data_8K3G
#
_entry.id   8K3G
#
_cell.length_a   62.810
_cell.length_b   134.528
_cell.length_c   137.510
_cell.angle_alpha   90.000
_cell.angle_beta   90.000
_cell.angle_gamma   90.000
#
_symmetry.space_group_name_H-M   'P 21 21 21'
#
loop_
_entity.id
_entity.type
_entity.pdbx_description
1 polymer 'Phospholipase C'
2 non-polymer 2-acetamido-2-deoxy-beta-D-glucopyranose
3 water water
#
_entity_poly.entity_id   1
_entity_poly.type   'polypeptide(L)'
_entity_poly.pdbx_seq_one_letter_code
;MKPDIALTGLLTVLAAASAAAQPVNNNNNNKNAPFGYKSGSPESIKNLKDKIQNVVWILLENRSFDNILGGFKRPGFDNP
ANNGPFCIPQNVSNPNSPKWCTKAKDFDSVLNDPSHSVTGNNMEFYGTFSPDNAAIASGKLQPSQQGFVDMQLVSYPKLD
PQVAAEQVMGYYTEDEIPTIANLVDEFTVFNRWFSCVPGPTNPNRLCALAGTAAGHGTNDNSFDVSGIDIKGIFQVADEK
GVSWKNYDGTNGAFLPDALFFNYTAKYKKQNVVPLENFFQDAYLGLLPQLSYINPSCCGLDTNSMHPTGNVSFGQVFVKQ
IYEAVRNGPQWDKTLILLTYDETGGFYDHVPPPLAVRPDNLTYTEKAPDGSTYTLTYNRLGGRMPTFLISPYAPKGYVEQ
EGIDPATGNSSVYSATSVLKTLGYLWDLEDLTPRVSHSPAFDHLIGPQLRSDTPTTLTTPHTFPTDV
;
_entity_poly.pdbx_strand_id   A,B
#
loop_
_chem_comp.id
_chem_comp.type
_chem_comp.name
_chem_comp.formula
NAG D-saccharide, beta linking 2-acetamido-2-deoxy-beta-D-glucopyranose 'C8 H15 N O6'
#
# COMPACT_ATOMS: atom_id res chain seq x y z
N ALA A 33 -32.51 5.88 -19.34
CA ALA A 33 -32.57 4.58 -18.69
C ALA A 33 -31.72 3.58 -19.45
N PRO A 34 -30.39 3.61 -19.25
CA PRO A 34 -29.48 2.79 -20.10
C PRO A 34 -29.80 1.31 -20.11
N PHE A 35 -30.38 0.76 -19.05
CA PHE A 35 -30.65 -0.67 -18.98
C PHE A 35 -32.14 -0.99 -18.99
N GLY A 36 -33.00 0.01 -19.16
CA GLY A 36 -34.42 -0.20 -19.27
C GLY A 36 -35.21 0.19 -18.04
N TYR A 37 -34.56 0.34 -16.89
CA TYR A 37 -35.24 0.75 -15.68
C TYR A 37 -34.76 2.14 -15.24
N LYS A 38 -35.70 2.92 -14.71
CA LYS A 38 -35.45 4.26 -14.25
C LYS A 38 -34.91 4.25 -12.82
N SER A 39 -34.09 5.24 -12.50
CA SER A 39 -33.58 5.37 -11.15
C SER A 39 -34.73 5.50 -10.15
N GLY A 40 -34.57 4.83 -9.01
CA GLY A 40 -35.59 4.79 -7.99
C GLY A 40 -36.77 3.88 -8.26
N SER A 41 -36.83 3.22 -9.41
CA SER A 41 -37.94 2.32 -9.71
C SER A 41 -37.79 1.04 -8.89
N PRO A 42 -38.90 0.32 -8.66
CA PRO A 42 -38.78 -0.97 -7.98
C PRO A 42 -37.75 -1.88 -8.61
N GLU A 43 -37.75 -2.01 -9.94
CA GLU A 43 -36.79 -2.88 -10.60
C GLU A 43 -35.35 -2.39 -10.38
N SER A 44 -35.11 -1.09 -10.52
CA SER A 44 -33.76 -0.57 -10.34
C SER A 44 -33.26 -0.80 -8.91
N ILE A 45 -34.11 -0.54 -7.92
CA ILE A 45 -33.67 -0.68 -6.54
C ILE A 45 -33.44 -2.13 -6.17
N LYS A 46 -34.30 -3.04 -6.66
CA LYS A 46 -34.09 -4.46 -6.39
C LYS A 46 -32.80 -4.97 -7.03
N ASN A 47 -32.51 -4.56 -8.27
CA ASN A 47 -31.27 -4.98 -8.91
C ASN A 47 -30.06 -4.43 -8.16
N LEU A 48 -30.17 -3.21 -7.62
CA LEU A 48 -29.07 -2.64 -6.86
C LEU A 48 -28.81 -3.45 -5.59
N LYS A 49 -29.86 -3.71 -4.82
CA LYS A 49 -29.70 -4.57 -3.66
C LYS A 49 -29.14 -5.93 -4.05
N ASP A 50 -29.61 -6.48 -5.18
CA ASP A 50 -29.22 -7.83 -5.57
C ASP A 50 -27.76 -7.89 -6.04
N LYS A 51 -27.29 -6.86 -6.73
CA LYS A 51 -25.97 -6.93 -7.36
C LYS A 51 -24.86 -6.40 -6.47
N ILE A 52 -25.13 -5.39 -5.67
CA ILE A 52 -24.10 -4.63 -4.98
C ILE A 52 -24.16 -4.94 -3.50
N GLN A 53 -23.08 -5.53 -2.98
CA GLN A 53 -22.96 -5.70 -1.55
C GLN A 53 -21.85 -4.86 -0.94
N ASN A 54 -20.85 -4.44 -1.73
CA ASN A 54 -19.75 -3.65 -1.24
C ASN A 54 -19.63 -2.39 -2.08
N VAL A 55 -19.46 -1.26 -1.39
CA VAL A 55 -19.21 0.02 -2.04
C VAL A 55 -17.83 0.48 -1.61
N VAL A 56 -17.01 0.87 -2.59
CA VAL A 56 -15.73 1.52 -2.34
C VAL A 56 -15.86 2.97 -2.81
N TRP A 57 -15.65 3.90 -1.89
CA TRP A 57 -15.90 5.32 -2.08
C TRP A 57 -14.61 6.08 -1.83
N ILE A 58 -14.15 6.84 -2.85
CA ILE A 58 -12.88 7.56 -2.78
C ILE A 58 -13.09 8.98 -3.26
N LEU A 59 -12.70 9.94 -2.43
CA LEU A 59 -12.58 11.33 -2.84
C LEU A 59 -11.10 11.65 -3.04
N LEU A 60 -10.69 11.79 -4.31
CA LEU A 60 -9.43 12.43 -4.66
C LEU A 60 -9.55 13.94 -4.42
N GLU A 61 -8.50 14.70 -4.72
CA GLU A 61 -8.46 16.09 -4.30
C GLU A 61 -8.24 17.09 -5.42
N ASN A 62 -9.10 18.12 -5.44
CA ASN A 62 -8.80 19.40 -6.10
C ASN A 62 -8.61 19.32 -7.61
N ARG A 63 -9.58 18.82 -8.36
CA ARG A 63 -9.49 18.83 -9.82
C ARG A 63 -10.85 19.12 -10.43
N SER A 64 -10.85 19.71 -11.61
CA SER A 64 -12.08 19.96 -12.32
C SER A 64 -12.25 18.94 -13.44
N PHE A 65 -13.48 18.88 -13.97
CA PHE A 65 -13.73 18.07 -15.17
C PHE A 65 -12.84 18.49 -16.34
N ASP A 66 -12.82 19.79 -16.65
CA ASP A 66 -12.07 20.25 -17.82
C ASP A 66 -10.57 20.04 -17.64
N ASN A 67 -10.10 20.03 -16.40
CA ASN A 67 -8.67 19.81 -16.19
C ASN A 67 -8.27 18.36 -16.41
N ILE A 68 -9.01 17.42 -15.82
CA ILE A 68 -8.61 16.02 -15.83
C ILE A 68 -9.24 15.27 -17.01
N LEU A 69 -10.50 15.57 -17.34
CA LEU A 69 -11.20 14.89 -18.42
C LEU A 69 -11.39 15.79 -19.64
N GLY A 70 -10.71 16.94 -19.68
CA GLY A 70 -10.95 17.88 -20.76
C GLY A 70 -10.40 17.46 -22.10
N GLY A 71 -9.54 16.43 -22.13
CA GLY A 71 -8.92 16.05 -23.38
C GLY A 71 -9.66 15.02 -24.18
N PHE A 72 -10.69 14.41 -23.61
CA PHE A 72 -11.29 13.26 -24.25
C PHE A 72 -12.28 13.73 -25.32
N LYS A 73 -11.89 13.59 -26.57
CA LYS A 73 -12.74 13.87 -27.72
C LYS A 73 -13.65 12.66 -27.97
N ARG A 74 -14.62 12.49 -27.07
CA ARG A 74 -15.51 11.35 -27.13
C ARG A 74 -16.96 11.83 -26.99
N PRO A 75 -17.92 11.06 -27.52
CA PRO A 75 -19.33 11.45 -27.41
C PRO A 75 -19.74 11.61 -25.95
N GLY A 76 -20.47 12.70 -25.67
CA GLY A 76 -20.97 12.98 -24.34
C GLY A 76 -20.07 13.87 -23.50
N PHE A 77 -18.78 13.98 -23.82
CA PHE A 77 -17.84 14.80 -23.06
C PHE A 77 -18.02 16.26 -23.41
N ASP A 78 -18.58 17.03 -22.48
CA ASP A 78 -18.66 18.50 -22.56
C ASP A 78 -17.35 19.06 -22.01
N ASN A 79 -16.43 19.41 -22.91
CA ASN A 79 -15.08 19.76 -22.48
C ASN A 79 -14.36 20.56 -23.56
N PRO A 80 -13.13 21.05 -23.33
CA PRO A 80 -12.44 21.80 -24.41
C PRO A 80 -12.17 20.97 -25.66
N ALA A 81 -11.93 19.66 -25.52
CA ALA A 81 -11.62 18.84 -26.70
C ALA A 81 -12.79 18.79 -27.68
N ASN A 82 -14.02 18.74 -27.17
CA ASN A 82 -15.17 18.65 -28.05
C ASN A 82 -15.75 20.02 -28.40
N ASN A 83 -15.79 20.93 -27.41
CA ASN A 83 -16.54 22.16 -27.51
C ASN A 83 -15.68 23.40 -27.35
N GLY A 84 -14.37 23.25 -27.23
CA GLY A 84 -13.50 24.37 -26.96
C GLY A 84 -12.92 24.91 -28.24
N PRO A 85 -11.86 25.72 -28.13
CA PRO A 85 -11.23 26.18 -26.89
C PRO A 85 -12.04 27.23 -26.15
N PHE A 86 -11.86 27.31 -24.83
CA PHE A 86 -12.43 28.38 -24.04
C PHE A 86 -11.31 29.35 -23.67
N CYS A 87 -11.65 30.63 -23.63
CA CYS A 87 -10.68 31.71 -23.46
C CYS A 87 -11.29 32.73 -22.51
N ILE A 88 -10.51 33.15 -21.52
CA ILE A 88 -10.97 34.04 -20.46
C ILE A 88 -9.90 35.10 -20.26
N PRO A 89 -10.26 36.26 -19.71
CA PRO A 89 -9.28 37.33 -19.55
C PRO A 89 -8.27 37.03 -18.45
N GLN A 90 -7.08 37.61 -18.58
CA GLN A 90 -6.08 37.52 -17.54
C GLN A 90 -6.43 38.40 -16.34
N ASN A 91 -7.16 39.49 -16.57
CA ASN A 91 -7.65 40.39 -15.53
C ASN A 91 -9.07 40.77 -15.91
N VAL A 92 -10.06 40.22 -15.20
CA VAL A 92 -11.45 40.49 -15.50
C VAL A 92 -11.80 41.98 -15.37
N SER A 93 -10.90 42.79 -14.82
CA SER A 93 -11.22 44.19 -14.57
C SER A 93 -10.97 45.10 -15.77
N ASN A 94 -10.05 44.77 -16.70
CA ASN A 94 -9.94 45.66 -17.85
C ASN A 94 -10.31 44.92 -19.13
N PRO A 95 -11.20 45.48 -19.94
CA PRO A 95 -11.64 44.78 -21.15
C PRO A 95 -10.53 44.45 -22.10
N ASN A 96 -9.37 45.11 -22.00
CA ASN A 96 -8.29 44.92 -22.95
C ASN A 96 -7.31 43.83 -22.56
N SER A 97 -7.54 43.13 -21.46
CA SER A 97 -6.49 42.26 -20.95
C SER A 97 -6.33 41.05 -21.86
N PRO A 98 -5.12 40.55 -22.04
CA PRO A 98 -4.91 39.37 -22.88
C PRO A 98 -5.81 38.21 -22.44
N LYS A 99 -6.25 37.42 -23.40
CA LYS A 99 -7.08 36.27 -23.10
C LYS A 99 -6.25 34.99 -23.16
N TRP A 100 -6.56 34.07 -22.24
CA TRP A 100 -5.82 32.83 -22.07
C TRP A 100 -6.77 31.66 -22.29
N CYS A 101 -6.32 30.68 -23.06
CA CYS A 101 -7.20 29.64 -23.57
C CYS A 101 -6.81 28.29 -23.00
N THR A 102 -7.81 27.40 -22.88
CA THR A 102 -7.57 26.00 -22.56
C THR A 102 -6.64 25.37 -23.59
N LYS A 103 -5.60 24.71 -23.12
CA LYS A 103 -4.62 24.07 -23.99
C LYS A 103 -4.31 22.67 -23.46
N ALA A 104 -4.10 21.74 -24.40
CA ALA A 104 -3.69 20.38 -24.05
C ALA A 104 -2.35 20.39 -23.30
N LYS A 105 -2.24 19.45 -22.35
CA LYS A 105 -1.08 19.23 -21.50
C LYS A 105 -1.13 20.14 -20.28
N ASP A 106 -0.67 19.64 -19.15
CA ASP A 106 -0.56 20.42 -17.93
C ASP A 106 0.56 19.78 -17.12
N PHE A 107 0.97 20.47 -16.04
CA PHE A 107 2.11 20.01 -15.26
C PHE A 107 1.75 18.76 -14.46
N ASP A 108 2.65 17.76 -14.49
CA ASP A 108 2.53 16.65 -13.55
C ASP A 108 2.36 17.17 -12.13
N SER A 109 3.21 18.12 -11.76
CA SER A 109 3.16 18.76 -10.46
C SER A 109 2.88 20.24 -10.64
N VAL A 110 1.65 20.64 -10.34
CA VAL A 110 1.25 22.05 -10.36
C VAL A 110 1.87 22.69 -9.13
N LEU A 111 2.89 23.53 -9.34
CA LEU A 111 3.66 24.07 -8.22
C LEU A 111 2.95 25.20 -7.49
N ASN A 112 1.96 25.83 -8.10
CA ASN A 112 1.23 26.94 -7.47
C ASN A 112 -0.21 26.50 -7.27
N ASP A 113 -0.58 26.19 -6.03
CA ASP A 113 -1.89 25.63 -5.73
C ASP A 113 -2.99 26.64 -5.99
N PRO A 114 -3.93 26.37 -6.89
CA PRO A 114 -4.97 27.35 -7.20
C PRO A 114 -5.97 27.51 -6.06
N SER A 115 -6.59 28.69 -6.01
CA SER A 115 -7.43 29.07 -4.88
C SER A 115 -8.76 28.31 -4.93
N HIS A 116 -9.15 27.72 -3.78
CA HIS A 116 -10.41 27.01 -3.68
C HIS A 116 -11.16 27.35 -2.39
N SER A 117 -10.95 28.55 -1.84
CA SER A 117 -11.81 29.07 -0.79
C SER A 117 -13.13 29.53 -1.39
N VAL A 118 -14.06 29.88 -0.50
CA VAL A 118 -15.35 30.43 -0.95
C VAL A 118 -15.13 31.70 -1.76
N THR A 119 -14.38 32.66 -1.21
CA THR A 119 -14.18 33.91 -1.94
C THR A 119 -13.33 33.69 -3.18
N GLY A 120 -12.43 32.70 -3.16
CA GLY A 120 -11.67 32.36 -4.36
C GLY A 120 -12.54 31.80 -5.47
N ASN A 121 -13.48 30.90 -5.13
CA ASN A 121 -14.45 30.42 -6.13
C ASN A 121 -15.35 31.55 -6.62
N ASN A 122 -15.69 32.49 -5.73
CA ASN A 122 -16.45 33.67 -6.13
C ASN A 122 -15.75 34.42 -7.26
N MET A 123 -14.46 34.71 -7.06
CA MET A 123 -13.70 35.37 -8.12
C MET A 123 -13.66 34.53 -9.39
N GLU A 124 -13.51 33.21 -9.24
CA GLU A 124 -13.34 32.34 -10.41
C GLU A 124 -14.63 32.21 -11.20
N PHE A 125 -15.76 32.06 -10.51
CA PHE A 125 -17.03 31.78 -11.14
C PHE A 125 -17.77 33.04 -11.57
N TYR A 126 -17.82 34.05 -10.69
CA TYR A 126 -18.61 35.26 -10.93
C TYR A 126 -17.77 36.48 -11.24
N GLY A 127 -16.45 36.41 -11.09
CA GLY A 127 -15.57 37.52 -11.41
C GLY A 127 -15.45 38.60 -10.36
N THR A 128 -16.11 38.44 -9.20
CA THR A 128 -16.02 39.36 -8.09
C THR A 128 -15.83 38.57 -6.79
N PHE A 129 -15.19 39.19 -5.80
CA PHE A 129 -14.97 38.50 -4.53
C PHE A 129 -16.23 38.37 -3.69
N SER A 130 -17.24 39.22 -3.91
CA SER A 130 -18.50 39.06 -3.21
C SER A 130 -19.63 39.46 -4.15
N PRO A 131 -20.20 38.50 -4.87
CA PRO A 131 -21.31 38.80 -5.78
C PRO A 131 -22.62 39.00 -5.03
N ASP A 132 -23.50 39.79 -5.65
CA ASP A 132 -24.85 40.07 -5.17
C ASP A 132 -25.63 38.78 -4.92
N ASN A 133 -25.82 38.43 -3.64
CA ASN A 133 -26.50 37.19 -3.30
C ASN A 133 -27.95 37.20 -3.73
N ALA A 134 -28.58 38.38 -3.78
CA ALA A 134 -29.98 38.42 -4.22
C ALA A 134 -30.09 38.27 -5.72
N ALA A 135 -29.14 38.86 -6.47
CA ALA A 135 -29.09 38.62 -7.91
C ALA A 135 -28.80 37.17 -8.23
N ILE A 136 -27.92 36.52 -7.44
CA ILE A 136 -27.70 35.09 -7.62
C ILE A 136 -28.98 34.31 -7.35
N ALA A 137 -29.64 34.59 -6.23
CA ALA A 137 -30.80 33.78 -5.84
C ALA A 137 -31.93 33.92 -6.84
N SER A 138 -32.09 35.12 -7.40
CA SER A 138 -33.17 35.39 -8.34
C SER A 138 -32.86 34.90 -9.76
N GLY A 139 -31.61 34.55 -10.05
CA GLY A 139 -31.20 34.24 -11.41
C GLY A 139 -30.75 35.43 -12.22
N LYS A 140 -30.95 36.65 -11.71
CA LYS A 140 -30.44 37.83 -12.40
C LYS A 140 -28.93 37.76 -12.63
N LEU A 141 -28.20 37.10 -11.74
CA LEU A 141 -26.74 36.99 -11.86
C LEU A 141 -26.34 35.53 -11.91
N GLN A 142 -25.62 35.17 -12.97
CA GLN A 142 -25.14 33.82 -13.22
C GLN A 142 -23.63 33.80 -13.42
N PRO A 143 -22.97 32.68 -13.14
CA PRO A 143 -21.51 32.68 -13.24
C PRO A 143 -21.06 32.56 -14.69
N SER A 144 -20.10 33.38 -15.05
CA SER A 144 -19.55 33.40 -16.40
C SER A 144 -18.23 32.65 -16.53
N GLN A 145 -17.62 32.21 -15.42
CA GLN A 145 -16.46 31.31 -15.42
C GLN A 145 -15.25 31.97 -16.06
N GLN A 146 -14.93 33.18 -15.58
CA GLN A 146 -13.97 34.05 -16.25
C GLN A 146 -12.77 34.40 -15.41
N GLY A 147 -12.78 34.12 -14.12
CA GLY A 147 -11.76 34.61 -13.20
C GLY A 147 -10.66 33.65 -12.82
N PHE A 148 -10.57 32.48 -13.46
CA PHE A 148 -9.62 31.46 -13.02
C PHE A 148 -8.17 31.90 -13.20
N VAL A 149 -7.85 32.65 -14.26
CA VAL A 149 -6.48 33.13 -14.41
C VAL A 149 -6.22 34.31 -13.48
N ASP A 150 -7.16 35.25 -13.43
CA ASP A 150 -7.11 36.36 -12.49
C ASP A 150 -6.85 35.88 -11.06
N MET A 151 -7.64 34.92 -10.58
CA MET A 151 -7.48 34.40 -9.21
C MET A 151 -6.10 33.81 -9.00
N GLN A 152 -5.62 33.05 -9.99
CA GLN A 152 -4.29 32.47 -9.88
C GLN A 152 -3.23 33.57 -9.76
N LEU A 153 -3.43 34.70 -10.44
CA LEU A 153 -2.48 35.81 -10.33
C LEU A 153 -2.65 36.60 -9.04
N VAL A 154 -3.88 36.72 -8.53
CA VAL A 154 -4.08 37.28 -7.19
C VAL A 154 -3.33 36.45 -6.15
N SER A 155 -3.51 35.12 -6.19
CA SER A 155 -2.83 34.22 -5.26
C SER A 155 -1.31 34.26 -5.43
N TYR A 156 -0.81 34.37 -6.67
CA TYR A 156 0.64 34.32 -6.92
C TYR A 156 1.02 35.51 -7.80
N PRO A 157 1.16 36.70 -7.21
CA PRO A 157 1.32 37.92 -8.03
C PRO A 157 2.60 37.98 -8.83
N LYS A 158 3.65 37.25 -8.44
CA LYS A 158 4.91 37.28 -9.16
C LYS A 158 4.98 36.18 -10.22
N LEU A 159 3.93 35.40 -10.36
CA LEU A 159 3.95 34.24 -11.23
C LEU A 159 3.73 34.68 -12.68
N ASP A 160 4.48 34.07 -13.58
CA ASP A 160 4.34 34.37 -14.99
C ASP A 160 2.91 34.04 -15.45
N PRO A 161 2.19 35.00 -16.03
CA PRO A 161 0.80 34.72 -16.45
C PRO A 161 0.68 33.49 -17.35
N GLN A 162 1.62 33.31 -18.27
CA GLN A 162 1.62 32.11 -19.10
C GLN A 162 1.60 30.84 -18.24
N VAL A 163 2.42 30.79 -17.19
CA VAL A 163 2.47 29.60 -16.33
C VAL A 163 1.17 29.47 -15.54
N ALA A 164 0.70 30.58 -14.95
CA ALA A 164 -0.59 30.59 -14.27
C ALA A 164 -1.70 30.06 -15.17
N ALA A 165 -1.67 30.42 -16.46
CA ALA A 165 -2.69 29.95 -17.39
C ALA A 165 -2.53 28.47 -17.73
N GLU A 166 -1.30 28.02 -18.06
CA GLU A 166 -1.08 26.58 -18.25
C GLU A 166 -1.53 25.78 -17.04
N GLN A 167 -1.26 26.28 -15.84
CA GLN A 167 -1.66 25.58 -14.64
C GLN A 167 -3.17 25.40 -14.57
N VAL A 168 -3.94 26.49 -14.68
CA VAL A 168 -5.36 26.37 -14.43
C VAL A 168 -6.20 26.10 -15.68
N MET A 169 -5.69 26.43 -16.88
CA MET A 169 -6.43 26.17 -18.11
C MET A 169 -6.00 24.87 -18.81
N GLY A 170 -4.87 24.29 -18.45
CA GLY A 170 -4.45 23.06 -19.09
C GLY A 170 -5.42 21.92 -18.82
N TYR A 171 -5.44 20.97 -19.73
CA TYR A 171 -6.03 19.67 -19.47
C TYR A 171 -5.01 18.61 -19.89
N TYR A 172 -5.00 17.50 -19.14
CA TYR A 172 -4.01 16.46 -19.38
C TYR A 172 -4.39 15.63 -20.61
N THR A 173 -3.37 15.20 -21.34
CA THR A 173 -3.52 14.38 -22.53
C THR A 173 -3.57 12.89 -22.17
N GLU A 174 -4.06 12.07 -23.10
CA GLU A 174 -4.16 10.62 -22.85
C GLU A 174 -2.80 10.03 -22.48
N ASP A 175 -1.72 10.46 -23.15
CA ASP A 175 -0.40 9.99 -22.76
C ASP A 175 -0.02 10.44 -21.35
N GLU A 176 -0.59 11.54 -20.86
CA GLU A 176 -0.26 11.96 -19.50
C GLU A 176 -1.12 11.27 -18.46
N ILE A 177 -2.34 10.88 -18.79
CA ILE A 177 -3.22 10.22 -17.83
C ILE A 177 -3.76 8.89 -18.37
N PRO A 178 -2.89 7.91 -18.66
CA PRO A 178 -3.39 6.67 -19.26
C PRO A 178 -4.23 5.84 -18.32
N THR A 179 -4.01 5.93 -17.01
CA THR A 179 -4.83 5.18 -16.06
C THR A 179 -6.26 5.71 -16.06
N ILE A 180 -6.42 7.04 -16.00
CA ILE A 180 -7.74 7.66 -16.13
C ILE A 180 -8.36 7.26 -17.47
N ALA A 181 -7.58 7.36 -18.56
CA ALA A 181 -8.12 7.04 -19.87
C ALA A 181 -8.62 5.60 -19.93
N ASN A 182 -7.97 4.70 -19.18
CA ASN A 182 -8.45 3.33 -19.09
C ASN A 182 -9.83 3.27 -18.42
N LEU A 183 -10.03 4.03 -17.33
CA LEU A 183 -11.34 4.01 -16.67
C LEU A 183 -12.41 4.64 -17.57
N VAL A 184 -12.06 5.71 -18.29
CA VAL A 184 -12.96 6.29 -19.28
C VAL A 184 -13.40 5.25 -20.32
N ASP A 185 -12.43 4.49 -20.86
CA ASP A 185 -12.76 3.58 -21.95
C ASP A 185 -13.64 2.43 -21.49
N GLU A 186 -13.44 1.96 -20.26
CA GLU A 186 -14.02 0.71 -19.79
C GLU A 186 -15.21 0.88 -18.86
N PHE A 187 -15.47 2.09 -18.34
CA PHE A 187 -16.53 2.23 -17.34
C PHE A 187 -17.36 3.49 -17.58
N THR A 188 -17.91 4.09 -16.52
CA THR A 188 -18.86 5.20 -16.65
C THR A 188 -18.30 6.49 -16.07
N VAL A 189 -18.39 7.59 -16.83
CA VAL A 189 -18.03 8.90 -16.28
C VAL A 189 -19.28 9.78 -16.24
N PHE A 190 -19.29 10.71 -15.29
CA PHE A 190 -20.38 11.67 -15.14
C PHE A 190 -19.96 13.01 -15.75
N ASN A 191 -20.72 13.46 -16.74
CA ASN A 191 -20.48 14.74 -17.39
C ASN A 191 -21.16 15.90 -16.65
N ARG A 192 -22.05 15.62 -15.67
CA ARG A 192 -22.72 16.65 -14.86
C ARG A 192 -22.70 16.28 -13.36
N TRP A 193 -21.51 16.31 -12.75
CA TRP A 193 -21.33 16.00 -11.33
C TRP A 193 -20.56 17.15 -10.72
N PHE A 194 -21.16 17.82 -9.73
CA PHE A 194 -20.60 19.02 -9.12
C PHE A 194 -20.31 18.78 -7.64
N SER A 195 -19.34 19.51 -7.10
CA SER A 195 -19.05 19.35 -5.69
C SER A 195 -20.20 19.91 -4.85
N CYS A 196 -20.29 19.46 -3.60
CA CYS A 196 -21.41 19.86 -2.75
C CYS A 196 -21.31 21.34 -2.36
N VAL A 197 -20.11 21.87 -2.14
CA VAL A 197 -20.00 23.27 -1.73
C VAL A 197 -18.94 23.99 -2.55
N PRO A 198 -19.16 25.28 -2.90
CA PRO A 198 -18.14 26.06 -3.62
C PRO A 198 -17.07 26.63 -2.68
N GLY A 199 -16.27 25.72 -2.12
CA GLY A 199 -15.20 26.05 -1.20
C GLY A 199 -14.23 24.88 -1.02
N PRO A 200 -13.52 24.86 0.10
CA PRO A 200 -12.35 23.97 0.20
C PRO A 200 -12.64 22.53 0.64
N THR A 201 -11.56 21.80 0.93
CA THR A 201 -11.63 20.35 1.09
C THR A 201 -12.66 19.92 2.14
N ASN A 202 -12.54 20.44 3.37
CA ASN A 202 -13.28 19.76 4.42
C ASN A 202 -14.76 20.12 4.50
N PRO A 203 -15.19 21.34 4.18
CA PRO A 203 -16.64 21.56 3.99
C PRO A 203 -17.24 20.61 2.97
N ASN A 204 -16.50 20.29 1.91
CA ASN A 204 -17.01 19.41 0.87
C ASN A 204 -17.03 17.95 1.32
N ARG A 205 -15.95 17.47 1.96
CA ARG A 205 -15.94 16.10 2.46
C ARG A 205 -17.05 15.87 3.48
N LEU A 206 -17.27 16.84 4.38
CA LEU A 206 -18.36 16.74 5.35
C LEU A 206 -19.73 16.70 4.65
N CYS A 207 -19.94 17.60 3.67
CA CYS A 207 -21.20 17.56 2.94
C CYS A 207 -21.42 16.20 2.27
N ALA A 208 -20.37 15.63 1.67
CA ALA A 208 -20.47 14.29 1.07
C ALA A 208 -20.83 13.20 2.10
N LEU A 209 -20.35 13.31 3.33
CA LEU A 209 -20.56 12.24 4.31
C LEU A 209 -21.79 12.44 5.18
N ALA A 210 -22.26 13.69 5.32
CA ALA A 210 -23.36 14.02 6.21
C ALA A 210 -24.52 14.75 5.53
N GLY A 211 -24.40 15.12 4.26
CA GLY A 211 -25.48 15.80 3.57
C GLY A 211 -25.51 17.29 3.76
N THR A 212 -24.58 17.87 4.53
CA THR A 212 -24.51 19.30 4.77
C THR A 212 -23.10 19.65 5.22
N ALA A 213 -22.65 20.86 4.85
CA ALA A 213 -21.43 21.41 5.44
C ALA A 213 -21.67 22.01 6.83
N ALA A 214 -22.93 22.18 7.23
CA ALA A 214 -23.29 22.62 8.58
C ALA A 214 -22.55 23.89 8.98
N GLY A 215 -22.43 24.83 8.03
CA GLY A 215 -21.83 26.11 8.32
C GLY A 215 -20.32 26.16 8.22
N HIS A 216 -19.66 25.04 7.94
CA HIS A 216 -18.23 25.06 7.74
C HIS A 216 -17.89 25.53 6.32
N GLY A 217 -17.01 26.52 6.22
CA GLY A 217 -16.63 27.11 4.95
C GLY A 217 -15.15 27.14 4.69
N THR A 218 -14.32 26.82 5.68
CA THR A 218 -12.89 26.57 5.52
C THR A 218 -12.51 25.31 6.25
N ASN A 219 -11.20 25.02 6.19
CA ASN A 219 -10.62 23.90 6.91
C ASN A 219 -10.34 24.35 8.35
N ASP A 220 -11.42 24.49 9.10
CA ASP A 220 -11.34 24.99 10.46
C ASP A 220 -10.91 23.89 11.42
N ASN A 221 -10.82 24.24 12.70
CA ASN A 221 -10.18 23.38 13.69
C ASN A 221 -11.01 22.15 14.04
N SER A 222 -12.33 22.20 13.85
CA SER A 222 -13.15 21.08 14.30
C SER A 222 -12.85 19.79 13.52
N PHE A 223 -12.37 19.90 12.26
CA PHE A 223 -11.97 18.72 11.52
C PHE A 223 -10.72 18.06 12.09
N ASP A 224 -9.88 18.80 12.82
CA ASP A 224 -8.64 18.25 13.35
C ASP A 224 -8.79 17.62 14.72
N VAL A 225 -9.94 17.76 15.39
CA VAL A 225 -10.06 17.32 16.77
C VAL A 225 -11.30 16.45 16.95
N SER A 226 -11.79 15.87 15.86
CA SER A 226 -13.04 15.13 15.84
C SER A 226 -14.14 15.94 16.52
N GLY A 227 -14.24 17.22 16.12
CA GLY A 227 -15.22 18.13 16.66
C GLY A 227 -16.53 18.21 15.91
N ILE A 228 -16.70 17.44 14.85
CA ILE A 228 -17.96 17.50 14.09
C ILE A 228 -19.00 16.68 14.85
N ASP A 229 -20.10 17.33 15.21
CA ASP A 229 -21.08 16.71 16.10
C ASP A 229 -22.30 16.18 15.38
N ILE A 230 -22.47 16.46 14.09
CA ILE A 230 -23.68 16.04 13.40
C ILE A 230 -23.57 14.59 12.97
N LYS A 231 -24.70 14.02 12.54
CA LYS A 231 -24.78 12.62 12.14
C LYS A 231 -24.19 12.43 10.75
N GLY A 232 -23.27 11.46 10.61
CA GLY A 232 -22.66 11.13 9.35
C GLY A 232 -22.99 9.71 8.93
N ILE A 233 -22.58 9.39 7.68
CA ILE A 233 -22.87 8.09 7.12
C ILE A 233 -22.29 6.97 7.99
N PHE A 234 -21.11 7.19 8.57
CA PHE A 234 -20.48 6.16 9.39
C PHE A 234 -21.33 5.84 10.62
N GLN A 235 -21.86 6.87 11.29
CA GLN A 235 -22.78 6.64 12.41
C GLN A 235 -24.10 6.02 11.94
N VAL A 236 -24.62 6.47 10.80
CA VAL A 236 -25.83 5.86 10.25
C VAL A 236 -25.62 4.36 10.00
N ALA A 237 -24.49 4.00 9.40
CA ALA A 237 -24.24 2.60 9.09
C ALA A 237 -24.15 1.74 10.34
N ASP A 238 -23.56 2.26 11.42
CA ASP A 238 -23.58 1.53 12.68
C ASP A 238 -25.01 1.36 13.17
N GLU A 239 -25.84 2.38 12.98
CA GLU A 239 -27.23 2.31 13.41
C GLU A 239 -28.04 1.30 12.62
N LYS A 240 -27.67 1.06 11.36
CA LYS A 240 -28.37 0.11 10.50
C LYS A 240 -27.63 -1.22 10.38
N GLY A 241 -26.56 -1.40 11.13
CA GLY A 241 -25.78 -2.63 11.05
C GLY A 241 -25.04 -2.83 9.74
N VAL A 242 -24.70 -1.76 9.03
CA VAL A 242 -23.84 -1.83 7.86
C VAL A 242 -22.38 -1.70 8.30
N SER A 243 -21.57 -2.71 7.98
CA SER A 243 -20.16 -2.66 8.33
C SER A 243 -19.42 -1.64 7.46
N TRP A 244 -18.42 -0.98 8.05
CA TRP A 244 -17.67 0.04 7.34
C TRP A 244 -16.24 0.14 7.86
N LYS A 245 -15.35 0.59 6.99
CA LYS A 245 -13.99 0.92 7.40
C LYS A 245 -13.59 2.21 6.72
N ASN A 246 -12.81 3.02 7.43
CA ASN A 246 -12.16 4.20 6.85
C ASN A 246 -10.68 3.84 6.65
N TYR A 247 -10.30 3.58 5.40
CA TYR A 247 -8.93 3.21 5.09
C TYR A 247 -8.06 4.48 4.99
N ASP A 248 -7.07 4.58 5.87
CA ASP A 248 -6.36 5.84 6.14
C ASP A 248 -5.00 5.86 5.43
N GLY A 249 -4.91 6.64 4.35
CA GLY A 249 -3.64 6.87 3.67
C GLY A 249 -3.05 8.26 3.89
N THR A 250 -3.52 8.95 4.94
CA THR A 250 -3.11 10.33 5.23
C THR A 250 -1.70 10.43 5.78
N ASN A 251 -1.07 9.32 6.17
CA ASN A 251 0.26 9.28 6.78
C ASN A 251 0.33 10.02 8.12
N GLY A 252 -0.81 10.20 8.79
CA GLY A 252 -0.86 10.97 10.02
C GLY A 252 -0.80 12.48 9.84
N ALA A 253 -0.73 12.99 8.61
CA ALA A 253 -0.64 14.43 8.45
C ALA A 253 -1.92 15.14 8.85
N PHE A 254 -3.05 14.44 8.87
CA PHE A 254 -4.33 15.01 9.29
C PHE A 254 -5.28 13.85 9.55
N LEU A 255 -6.40 14.16 10.17
CA LEU A 255 -7.34 13.11 10.49
C LEU A 255 -8.09 12.68 9.23
N PRO A 256 -8.22 11.37 8.98
CA PRO A 256 -9.12 10.91 7.90
C PRO A 256 -10.57 11.24 8.22
N ASP A 257 -11.41 11.18 7.17
CA ASP A 257 -12.73 11.82 7.21
C ASP A 257 -13.59 11.29 8.35
N ALA A 258 -13.54 9.98 8.62
CA ALA A 258 -14.36 9.41 9.67
C ALA A 258 -14.01 10.01 11.03
N LEU A 259 -12.78 10.47 11.21
CA LEU A 259 -12.44 11.11 12.47
C LEU A 259 -12.71 12.61 12.46
N PHE A 260 -13.48 13.11 11.49
CA PHE A 260 -14.14 14.41 11.67
C PHE A 260 -15.08 14.34 12.86
N PHE A 261 -15.68 13.17 13.06
CA PHE A 261 -16.91 13.02 13.83
C PHE A 261 -16.61 12.64 15.27
N ASN A 262 -17.11 13.46 16.20
CA ASN A 262 -17.18 13.13 17.62
C ASN A 262 -17.53 11.66 17.83
N TYR A 263 -18.53 11.16 17.10
CA TYR A 263 -19.03 9.80 17.28
C TYR A 263 -17.94 8.76 17.02
N THR A 264 -17.18 8.92 15.93
CA THR A 264 -16.18 7.91 15.60
C THR A 264 -15.06 7.89 16.64
N ALA A 265 -14.60 9.07 17.07
CA ALA A 265 -13.53 9.13 18.05
C ALA A 265 -13.95 8.48 19.36
N LYS A 266 -15.23 8.59 19.73
CA LYS A 266 -15.67 8.08 21.01
C LYS A 266 -15.94 6.59 20.95
N TYR A 267 -16.44 6.09 19.82
CA TYR A 267 -16.94 4.71 19.74
C TYR A 267 -16.27 3.83 18.69
N LYS A 268 -15.61 4.39 17.67
CA LYS A 268 -15.36 3.59 16.49
C LYS A 268 -13.97 3.80 15.90
N LYS A 269 -12.99 4.17 16.74
CA LYS A 269 -11.62 4.35 16.27
C LYS A 269 -11.09 3.08 15.60
N GLN A 270 -11.55 1.90 16.04
CA GLN A 270 -11.08 0.65 15.47
C GLN A 270 -11.47 0.46 14.01
N ASN A 271 -12.45 1.23 13.52
CA ASN A 271 -12.85 1.16 12.11
C ASN A 271 -11.96 1.99 11.20
N VAL A 272 -11.01 2.74 11.75
CA VAL A 272 -10.09 3.57 10.97
C VAL A 272 -8.75 2.82 10.91
N VAL A 273 -8.39 2.32 9.73
CA VAL A 273 -7.28 1.37 9.62
C VAL A 273 -6.29 1.85 8.56
N PRO A 274 -5.05 1.34 8.59
CA PRO A 274 -4.07 1.78 7.59
C PRO A 274 -4.50 1.47 6.18
N LEU A 275 -4.01 2.30 5.25
CA LEU A 275 -4.29 2.13 3.82
C LEU A 275 -3.95 0.73 3.34
N GLU A 276 -2.81 0.20 3.77
CA GLU A 276 -2.37 -1.14 3.35
C GLU A 276 -3.42 -2.20 3.62
N ASN A 277 -4.22 -2.01 4.69
CA ASN A 277 -5.33 -2.91 4.98
C ASN A 277 -6.33 -2.97 3.84
N PHE A 278 -6.42 -1.92 3.02
CA PHE A 278 -7.40 -1.97 1.93
C PHE A 278 -6.97 -2.98 0.88
N PHE A 279 -5.70 -2.93 0.47
CA PHE A 279 -5.23 -3.87 -0.54
C PHE A 279 -5.30 -5.29 -0.01
N GLN A 280 -4.94 -5.48 1.27
CA GLN A 280 -5.09 -6.77 1.93
C GLN A 280 -6.54 -7.24 1.89
N ASP A 281 -7.48 -6.40 2.34
CA ASP A 281 -8.88 -6.84 2.39
C ASP A 281 -9.46 -7.07 0.99
N ALA A 282 -9.10 -6.22 0.02
CA ALA A 282 -9.72 -6.30 -1.29
C ALA A 282 -9.23 -7.52 -2.07
N TYR A 283 -7.92 -7.76 -2.07
CA TYR A 283 -7.41 -8.96 -2.73
C TYR A 283 -7.95 -10.22 -2.06
N LEU A 284 -8.22 -10.17 -0.77
CA LEU A 284 -8.61 -11.38 -0.06
C LEU A 284 -10.11 -11.53 0.09
N GLY A 285 -10.90 -10.53 -0.32
CA GLY A 285 -12.34 -10.60 -0.20
C GLY A 285 -12.83 -10.29 1.19
N LEU A 286 -12.09 -9.51 1.97
CA LEU A 286 -12.46 -9.16 3.33
C LEU A 286 -13.02 -7.74 3.46
N LEU A 287 -13.43 -7.10 2.36
CA LEU A 287 -13.87 -5.71 2.44
C LEU A 287 -15.16 -5.59 3.25
N PRO A 288 -15.34 -4.52 4.02
CA PRO A 288 -16.64 -4.27 4.66
C PRO A 288 -17.65 -3.79 3.62
N GLN A 289 -18.91 -3.66 4.04
CA GLN A 289 -19.92 -3.21 3.08
C GLN A 289 -19.60 -1.82 2.52
N LEU A 290 -19.10 -0.92 3.37
CA LEU A 290 -18.75 0.44 2.96
C LEU A 290 -17.27 0.68 3.20
N SER A 291 -16.52 0.89 2.13
CA SER A 291 -15.08 1.16 2.17
C SER A 291 -14.87 2.63 1.79
N TYR A 292 -14.21 3.39 2.67
CA TYR A 292 -13.96 4.80 2.42
C TYR A 292 -12.46 5.06 2.56
N ILE A 293 -11.81 5.49 1.47
CA ILE A 293 -10.35 5.59 1.41
C ILE A 293 -9.93 7.04 1.37
N ASN A 294 -9.00 7.41 2.27
CA ASN A 294 -8.38 8.73 2.30
C ASN A 294 -7.00 8.66 1.68
N PRO A 295 -6.71 9.41 0.61
CA PRO A 295 -5.35 9.47 0.07
C PRO A 295 -4.49 10.39 0.94
N SER A 296 -3.20 10.45 0.62
CA SER A 296 -2.29 11.41 1.25
C SER A 296 -2.39 12.72 0.49
N CYS A 297 -2.19 13.82 1.20
CA CYS A 297 -2.53 15.09 0.59
C CYS A 297 -1.44 16.14 0.66
N CYS A 298 -1.24 16.73 -0.51
CA CYS A 298 -0.64 18.02 -0.76
C CYS A 298 0.82 17.94 -0.37
N GLY A 299 1.70 17.94 -1.33
CA GLY A 299 3.11 17.98 -0.99
C GLY A 299 3.82 16.70 -1.36
N LEU A 300 5.08 16.63 -0.92
CA LEU A 300 6.02 15.60 -1.32
C LEU A 300 5.45 14.20 -1.18
N ASP A 301 5.34 13.52 -2.32
CA ASP A 301 5.03 12.09 -2.45
C ASP A 301 3.59 11.76 -2.10
N THR A 302 2.72 12.76 -2.09
CA THR A 302 1.32 12.47 -1.83
C THR A 302 0.63 12.07 -3.13
N ASN A 303 -0.51 11.40 -2.98
CA ASN A 303 -1.18 10.77 -4.11
C ASN A 303 -2.61 11.29 -4.31
N SER A 304 -3.00 12.39 -3.65
CA SER A 304 -4.38 12.85 -3.75
C SER A 304 -4.67 13.61 -5.04
N MET A 305 -3.65 14.12 -5.72
CA MET A 305 -3.75 14.99 -6.89
C MET A 305 -3.92 16.45 -6.48
N HIS A 306 -4.14 16.73 -5.21
CA HIS A 306 -4.05 18.07 -4.68
C HIS A 306 -2.68 18.65 -5.02
N PRO A 307 -2.60 19.82 -5.65
CA PRO A 307 -1.30 20.49 -5.76
C PRO A 307 -0.68 20.59 -4.37
N THR A 308 0.57 20.19 -4.25
CA THR A 308 1.51 20.08 -5.34
C THR A 308 1.78 18.61 -5.80
N GLY A 309 1.00 17.66 -5.27
CA GLY A 309 1.20 16.25 -5.60
C GLY A 309 0.93 15.94 -7.07
N ASN A 310 1.63 14.91 -7.57
CA ASN A 310 1.56 14.61 -9.01
C ASN A 310 0.32 13.88 -9.44
N VAL A 311 -0.10 14.23 -10.65
CA VAL A 311 -1.06 13.43 -11.39
C VAL A 311 -0.54 11.99 -11.55
N SER A 312 0.77 11.83 -11.78
CA SER A 312 1.28 10.48 -11.98
C SER A 312 1.13 9.65 -10.70
N PHE A 313 1.46 10.24 -9.54
CA PHE A 313 1.33 9.52 -8.27
C PHE A 313 -0.12 9.17 -8.00
N GLY A 314 -1.03 10.13 -8.23
CA GLY A 314 -2.44 9.87 -8.00
C GLY A 314 -2.95 8.68 -8.80
N GLN A 315 -2.44 8.51 -10.03
CA GLN A 315 -2.89 7.40 -10.88
C GLN A 315 -2.39 6.07 -10.36
N VAL A 316 -1.22 6.05 -9.70
CA VAL A 316 -0.74 4.79 -9.13
C VAL A 316 -1.69 4.32 -8.04
N PHE A 317 -2.04 5.24 -7.14
CA PHE A 317 -3.06 5.02 -6.13
C PHE A 317 -4.35 4.46 -6.73
N VAL A 318 -4.88 5.12 -7.79
CA VAL A 318 -6.12 4.64 -8.40
C VAL A 318 -5.93 3.24 -8.98
N LYS A 319 -4.76 3.00 -9.58
CA LYS A 319 -4.48 1.68 -10.15
C LYS A 319 -4.42 0.61 -9.06
N GLN A 320 -3.77 0.92 -7.93
CA GLN A 320 -3.72 -0.02 -6.81
C GLN A 320 -5.11 -0.36 -6.29
N ILE A 321 -5.92 0.68 -6.05
CA ILE A 321 -7.26 0.46 -5.53
C ILE A 321 -8.05 -0.44 -6.48
N TYR A 322 -8.06 -0.09 -7.77
CA TYR A 322 -8.83 -0.84 -8.76
C TYR A 322 -8.37 -2.30 -8.84
N GLU A 323 -7.05 -2.52 -8.92
CA GLU A 323 -6.57 -3.88 -9.15
C GLU A 323 -6.82 -4.77 -7.95
N ALA A 324 -6.75 -4.21 -6.72
CA ALA A 324 -7.01 -5.01 -5.53
C ALA A 324 -8.47 -5.45 -5.48
N VAL A 325 -9.41 -4.56 -5.78
CA VAL A 325 -10.82 -4.95 -5.82
C VAL A 325 -11.05 -5.91 -6.97
N ARG A 326 -10.51 -5.58 -8.15
CA ARG A 326 -10.86 -6.26 -9.40
C ARG A 326 -10.43 -7.72 -9.38
N ASN A 327 -9.27 -8.00 -8.81
CA ASN A 327 -8.73 -9.36 -8.78
C ASN A 327 -8.96 -10.01 -7.43
N GLY A 328 -9.84 -9.43 -6.61
CA GLY A 328 -10.33 -10.03 -5.39
C GLY A 328 -11.67 -10.72 -5.60
N PRO A 329 -12.08 -11.52 -4.61
CA PRO A 329 -13.34 -12.29 -4.76
C PRO A 329 -14.61 -11.45 -4.71
N GLN A 330 -14.54 -10.21 -4.23
CA GLN A 330 -15.70 -9.33 -4.10
C GLN A 330 -15.94 -8.46 -5.33
N TRP A 331 -15.14 -8.61 -6.40
CA TRP A 331 -15.30 -7.77 -7.59
C TRP A 331 -16.73 -7.84 -8.13
N ASP A 332 -17.31 -9.03 -8.19
CA ASP A 332 -18.63 -9.22 -8.78
C ASP A 332 -19.77 -8.81 -7.85
N LYS A 333 -19.50 -8.27 -6.66
CA LYS A 333 -20.53 -7.63 -5.86
C LYS A 333 -20.15 -6.21 -5.46
N THR A 334 -19.24 -5.57 -6.20
CA THR A 334 -18.67 -4.29 -5.78
C THR A 334 -18.99 -3.18 -6.78
N LEU A 335 -19.12 -1.99 -6.24
CA LEU A 335 -19.11 -0.76 -7.01
C LEU A 335 -18.07 0.18 -6.42
N ILE A 336 -17.21 0.73 -7.27
CA ILE A 336 -16.24 1.74 -6.87
C ILE A 336 -16.75 3.07 -7.38
N LEU A 337 -17.00 4.00 -6.46
CA LEU A 337 -17.33 5.35 -6.87
C LEU A 337 -16.12 6.23 -6.60
N LEU A 338 -15.49 6.70 -7.67
CA LEU A 338 -14.26 7.46 -7.64
C LEU A 338 -14.56 8.90 -8.01
N THR A 339 -14.32 9.83 -7.08
CA THR A 339 -14.64 11.25 -7.26
C THR A 339 -13.51 12.12 -6.73
N TYR A 340 -13.77 13.43 -6.77
CA TYR A 340 -12.98 14.45 -6.09
C TYR A 340 -13.83 15.17 -5.06
N ASP A 341 -13.15 15.92 -4.18
CA ASP A 341 -13.85 16.64 -3.13
C ASP A 341 -14.33 18.00 -3.63
N GLU A 342 -13.48 18.71 -4.39
CA GLU A 342 -13.88 19.94 -5.04
C GLU A 342 -12.93 20.16 -6.20
N THR A 343 -13.10 21.27 -6.91
CA THR A 343 -12.36 21.44 -8.16
C THR A 343 -11.02 22.14 -7.99
N GLY A 344 -10.65 22.51 -6.77
CA GLY A 344 -9.29 22.96 -6.55
C GLY A 344 -8.90 24.23 -7.25
N GLY A 345 -9.88 25.02 -7.69
CA GLY A 345 -9.60 26.23 -8.44
C GLY A 345 -9.17 26.04 -9.87
N PHE A 346 -9.23 24.83 -10.40
CA PHE A 346 -8.90 24.60 -11.81
C PHE A 346 -10.08 24.97 -12.69
N TYR A 347 -9.78 25.46 -13.89
CA TYR A 347 -10.80 25.96 -14.81
C TYR A 347 -11.86 24.91 -15.11
N ASP A 348 -13.13 25.36 -15.16
CA ASP A 348 -14.19 24.59 -15.78
C ASP A 348 -15.23 25.55 -16.33
N HIS A 349 -15.69 25.29 -17.55
CA HIS A 349 -16.53 26.24 -18.27
C HIS A 349 -18.02 26.15 -17.92
N VAL A 350 -18.44 25.11 -17.21
CA VAL A 350 -19.85 24.87 -16.94
C VAL A 350 -20.25 25.62 -15.67
N PRO A 351 -21.19 26.56 -15.75
CA PRO A 351 -21.61 27.33 -14.55
C PRO A 351 -22.28 26.42 -13.54
N PRO A 352 -21.84 26.44 -12.27
CA PRO A 352 -22.51 25.63 -11.23
C PRO A 352 -23.91 26.14 -10.96
N PRO A 353 -24.90 25.26 -10.90
CA PRO A 353 -26.29 25.69 -10.71
C PRO A 353 -26.65 25.91 -9.24
N LEU A 354 -27.75 26.64 -9.05
CA LEU A 354 -28.35 26.77 -7.73
C LEU A 354 -28.74 25.42 -7.17
N ALA A 355 -28.97 25.38 -5.85
CA ALA A 355 -29.23 24.12 -5.19
C ALA A 355 -29.92 24.38 -3.87
N VAL A 356 -30.76 23.42 -3.48
CA VAL A 356 -31.44 23.44 -2.18
C VAL A 356 -30.44 23.70 -1.06
N ARG A 357 -30.80 24.57 -0.14
CA ARG A 357 -29.96 24.81 1.03
C ARG A 357 -30.02 23.58 1.92
N PRO A 358 -28.87 23.04 2.36
CA PRO A 358 -28.92 21.82 3.16
C PRO A 358 -29.49 22.04 4.55
N ASP A 359 -29.23 23.22 5.14
CA ASP A 359 -29.84 23.63 6.38
C ASP A 359 -29.73 25.15 6.42
N ASN A 360 -30.08 25.76 7.55
CA ASN A 360 -30.12 27.22 7.63
C ASN A 360 -28.82 27.83 8.14
N LEU A 361 -27.80 27.01 8.40
CA LEU A 361 -26.51 27.51 8.87
C LEU A 361 -25.75 28.14 7.71
N THR A 362 -25.19 29.32 7.94
CA THR A 362 -24.46 30.04 6.92
C THR A 362 -23.01 30.20 7.36
N TYR A 363 -22.20 30.75 6.46
CA TYR A 363 -20.77 30.88 6.70
C TYR A 363 -20.29 32.18 6.08
N THR A 364 -19.45 32.91 6.81
CA THR A 364 -18.98 34.22 6.40
C THR A 364 -17.47 34.23 6.33
N GLU A 365 -16.92 34.94 5.35
CA GLU A 365 -15.51 34.91 5.05
C GLU A 365 -15.07 36.32 4.63
N LYS A 366 -13.82 36.65 4.90
CA LYS A 366 -13.24 37.90 4.45
C LYS A 366 -12.37 37.61 3.24
N ALA A 367 -12.56 38.38 2.20
CA ALA A 367 -11.89 38.16 0.93
C ALA A 367 -10.54 38.86 0.94
N PRO A 368 -9.63 38.48 0.00
CA PRO A 368 -8.33 39.16 -0.11
C PRO A 368 -8.36 40.68 -0.03
N ASP A 369 -9.42 41.32 -0.53
CA ASP A 369 -9.48 42.77 -0.54
C ASP A 369 -10.19 43.34 0.69
N GLY A 370 -10.44 42.52 1.70
CA GLY A 370 -11.17 42.95 2.87
C GLY A 370 -12.67 42.84 2.77
N SER A 371 -13.22 42.55 1.58
CA SER A 371 -14.66 42.43 1.45
C SER A 371 -15.15 41.17 2.17
N THR A 372 -16.43 41.19 2.53
CA THR A 372 -17.05 40.15 3.33
C THR A 372 -18.14 39.46 2.52
N TYR A 373 -18.11 38.13 2.50
CA TYR A 373 -19.09 37.35 1.76
C TYR A 373 -19.74 36.33 2.67
N THR A 374 -21.05 36.16 2.52
CA THR A 374 -21.80 35.14 3.24
C THR A 374 -22.33 34.11 2.27
N LEU A 375 -22.02 32.85 2.55
CA LEU A 375 -22.51 31.73 1.76
C LEU A 375 -23.73 31.16 2.47
N THR A 376 -24.81 30.97 1.73
CA THR A 376 -26.02 30.35 2.26
C THR A 376 -26.20 28.93 1.71
N TYR A 377 -25.18 28.43 0.99
CA TYR A 377 -25.17 27.06 0.47
C TYR A 377 -26.38 26.80 -0.43
N ASN A 378 -26.67 27.78 -1.30
CA ASN A 378 -27.76 27.68 -2.26
C ASN A 378 -27.25 27.46 -3.68
N ARG A 379 -26.01 27.02 -3.82
CA ARG A 379 -25.43 26.70 -5.12
C ARG A 379 -24.31 25.69 -4.91
N LEU A 380 -23.97 24.98 -5.97
CA LEU A 380 -22.96 23.93 -5.90
C LEU A 380 -21.56 24.49 -6.14
N GLY A 381 -20.57 23.63 -5.95
CA GLY A 381 -19.22 23.91 -6.40
C GLY A 381 -19.04 23.53 -7.85
N GLY A 382 -17.79 23.59 -8.30
CA GLY A 382 -17.47 23.33 -9.69
C GLY A 382 -17.77 21.89 -10.12
N ARG A 383 -17.73 21.68 -11.43
CA ARG A 383 -17.97 20.37 -12.03
C ARG A 383 -16.70 19.54 -11.98
N MET A 384 -16.83 18.28 -11.55
CA MET A 384 -15.71 17.41 -11.23
C MET A 384 -15.70 16.19 -12.16
N PRO A 385 -14.57 15.51 -12.27
CA PRO A 385 -14.59 14.14 -12.83
C PRO A 385 -15.20 13.18 -11.82
N THR A 386 -16.07 12.28 -12.28
CA THR A 386 -16.55 11.20 -11.43
C THR A 386 -16.70 9.96 -12.28
N PHE A 387 -16.30 8.81 -11.72
CA PHE A 387 -16.32 7.54 -12.41
C PHE A 387 -17.17 6.55 -11.62
N LEU A 388 -18.01 5.79 -12.31
CA LEU A 388 -18.67 4.64 -11.73
C LEU A 388 -18.02 3.40 -12.32
N ILE A 389 -17.40 2.61 -11.45
CA ILE A 389 -16.52 1.51 -11.83
C ILE A 389 -17.05 0.26 -11.13
N SER A 390 -17.58 -0.65 -11.92
CA SER A 390 -18.21 -1.85 -11.40
C SER A 390 -18.38 -2.76 -12.61
N PRO A 391 -18.27 -4.08 -12.44
CA PRO A 391 -18.57 -4.98 -13.56
C PRO A 391 -20.04 -4.94 -13.99
N TYR A 392 -20.89 -4.20 -13.27
CA TYR A 392 -22.25 -3.93 -13.69
C TYR A 392 -22.42 -2.57 -14.34
N ALA A 393 -21.37 -1.73 -14.31
CA ALA A 393 -21.49 -0.44 -14.95
C ALA A 393 -21.34 -0.59 -16.45
N PRO A 394 -21.92 0.30 -17.24
CA PRO A 394 -21.72 0.25 -18.69
C PRO A 394 -20.31 0.72 -19.08
N LYS A 395 -19.88 0.25 -20.26
CA LYS A 395 -18.53 0.45 -20.75
C LYS A 395 -18.43 1.71 -21.62
N GLY A 396 -17.42 2.53 -21.35
CA GLY A 396 -17.25 3.78 -22.10
C GLY A 396 -18.52 4.61 -22.15
N TYR A 397 -19.26 4.67 -21.06
CA TYR A 397 -20.52 5.37 -21.01
C TYR A 397 -20.37 6.73 -20.33
N VAL A 398 -21.17 7.70 -20.80
CA VAL A 398 -21.18 9.04 -20.25
C VAL A 398 -22.61 9.37 -19.84
N GLU A 399 -22.82 9.52 -18.55
CA GLU A 399 -24.11 9.93 -18.01
C GLU A 399 -24.22 11.46 -18.01
N GLN A 400 -25.36 11.97 -18.45
CA GLN A 400 -25.64 13.40 -18.45
C GLN A 400 -26.40 13.75 -17.17
N GLU A 401 -27.48 14.53 -17.22
CA GLU A 401 -28.22 14.86 -16.01
C GLU A 401 -29.05 13.66 -15.56
N GLY A 402 -29.32 13.60 -14.26
CA GLY A 402 -30.18 12.61 -13.68
C GLY A 402 -31.50 13.21 -13.29
N ILE A 403 -32.22 12.51 -12.41
CA ILE A 403 -33.54 12.92 -11.97
C ILE A 403 -33.47 13.26 -10.48
N ASP A 404 -33.90 14.49 -10.14
CA ASP A 404 -34.13 15.00 -8.79
C ASP A 404 -35.19 14.11 -8.17
N PRO A 405 -34.82 13.20 -7.26
CA PRO A 405 -35.82 12.23 -6.76
C PRO A 405 -36.98 12.87 -6.03
N ALA A 406 -36.81 14.05 -5.43
CA ALA A 406 -37.92 14.68 -4.73
C ALA A 406 -38.88 15.39 -5.68
N THR A 407 -38.42 15.83 -6.86
CA THR A 407 -39.25 16.62 -7.76
C THR A 407 -39.52 15.96 -9.10
N GLY A 408 -38.74 14.97 -9.52
CA GLY A 408 -38.93 14.37 -10.82
C GLY A 408 -38.33 15.14 -11.97
N ASN A 409 -37.82 16.34 -11.74
CA ASN A 409 -37.21 17.12 -12.80
C ASN A 409 -35.75 16.72 -13.03
N SER A 410 -35.28 16.96 -14.24
CA SER A 410 -33.86 16.83 -14.56
C SER A 410 -33.03 17.58 -13.54
N SER A 411 -31.86 17.02 -13.23
CA SER A 411 -30.98 17.66 -12.26
C SER A 411 -29.56 17.14 -12.43
N VAL A 412 -28.59 18.02 -12.19
CA VAL A 412 -27.20 17.58 -12.16
C VAL A 412 -26.97 16.68 -10.96
N TYR A 413 -25.92 15.86 -11.04
CA TYR A 413 -25.43 15.08 -9.91
C TYR A 413 -24.52 15.94 -9.03
N SER A 414 -24.37 15.50 -7.77
CA SER A 414 -23.46 16.16 -6.86
C SER A 414 -22.97 15.14 -5.84
N ALA A 415 -22.07 15.57 -4.96
CA ALA A 415 -21.42 14.63 -4.05
C ALA A 415 -22.44 13.84 -3.24
N THR A 416 -23.57 14.47 -2.84
CA THR A 416 -24.59 13.77 -2.07
C THR A 416 -25.40 12.78 -2.91
N SER A 417 -25.12 12.67 -4.20
CA SER A 417 -25.66 11.58 -5.00
C SER A 417 -25.27 10.22 -4.45
N VAL A 418 -24.08 10.11 -3.83
CA VAL A 418 -23.69 8.83 -3.23
C VAL A 418 -24.61 8.49 -2.07
N LEU A 419 -24.77 9.43 -1.13
CA LEU A 419 -25.68 9.21 0.01
C LEU A 419 -27.09 8.82 -0.46
N LYS A 420 -27.55 9.40 -1.58
CA LYS A 420 -28.89 9.06 -2.06
C LYS A 420 -28.94 7.61 -2.55
N THR A 421 -27.95 7.20 -3.35
CA THR A 421 -27.91 5.82 -3.81
C THR A 421 -27.74 4.86 -2.65
N LEU A 422 -26.87 5.19 -1.69
CA LEU A 422 -26.69 4.34 -0.52
C LEU A 422 -28.00 4.22 0.25
N GLY A 423 -28.78 5.31 0.30
CA GLY A 423 -30.14 5.21 0.82
C GLY A 423 -30.96 4.10 0.18
N TYR A 424 -30.97 4.03 -1.15
CA TYR A 424 -31.68 2.92 -1.79
C TYR A 424 -31.04 1.58 -1.42
N LEU A 425 -29.71 1.53 -1.38
CA LEU A 425 -29.04 0.25 -1.19
C LEU A 425 -29.34 -0.35 0.19
N TRP A 426 -29.24 0.47 1.23
CA TRP A 426 -29.31 -0.01 2.61
C TRP A 426 -30.52 0.54 3.36
N ASP A 427 -31.50 1.14 2.65
CA ASP A 427 -32.73 1.67 3.25
C ASP A 427 -32.44 2.71 4.33
N LEU A 428 -31.68 3.73 3.95
CA LEU A 428 -31.35 4.83 4.85
C LEU A 428 -32.28 6.00 4.57
N GLU A 429 -32.65 6.70 5.63
CA GLU A 429 -33.33 7.97 5.49
C GLU A 429 -32.35 9.04 5.02
N ASP A 430 -32.82 9.93 4.16
CA ASP A 430 -31.97 11.03 3.74
C ASP A 430 -31.63 11.89 4.95
N LEU A 431 -30.37 12.32 5.03
CA LEU A 431 -29.97 13.12 6.17
C LEU A 431 -30.44 14.56 6.05
N THR A 432 -30.55 15.10 4.84
CA THR A 432 -30.86 16.51 4.66
C THR A 432 -31.70 16.67 3.41
N PRO A 433 -32.33 17.84 3.22
CA PRO A 433 -32.95 18.15 1.92
C PRO A 433 -31.98 18.11 0.75
N ARG A 434 -30.69 18.39 0.96
CA ARG A 434 -29.78 18.29 -0.17
C ARG A 434 -29.65 16.86 -0.65
N VAL A 435 -29.61 15.89 0.28
CA VAL A 435 -29.60 14.49 -0.13
C VAL A 435 -30.87 14.13 -0.88
N SER A 436 -32.01 14.64 -0.39
CA SER A 436 -33.30 14.29 -0.99
C SER A 436 -33.41 14.77 -2.44
N HIS A 437 -32.75 15.87 -2.78
CA HIS A 437 -32.84 16.44 -4.12
C HIS A 437 -31.71 15.97 -5.04
N SER A 438 -30.81 15.08 -4.54
CA SER A 438 -29.66 14.65 -5.34
C SER A 438 -29.99 13.40 -6.14
N PRO A 439 -29.77 13.42 -7.45
CA PRO A 439 -30.00 12.22 -8.26
C PRO A 439 -29.18 11.02 -7.80
N ALA A 440 -29.77 9.84 -7.91
CA ALA A 440 -29.07 8.59 -7.63
C ALA A 440 -28.55 7.99 -8.93
N PHE A 441 -27.64 7.01 -8.79
CA PHE A 441 -27.06 6.34 -9.96
C PHE A 441 -27.29 4.83 -9.89
N ASP A 442 -28.33 4.40 -9.18
CA ASP A 442 -28.70 2.98 -9.17
C ASP A 442 -29.07 2.49 -10.56
N HIS A 443 -29.61 3.36 -11.42
CA HIS A 443 -29.97 2.90 -12.76
C HIS A 443 -28.75 2.60 -13.63
N LEU A 444 -27.55 2.96 -13.19
CA LEU A 444 -26.34 2.69 -13.96
C LEU A 444 -25.70 1.37 -13.57
N ILE A 445 -26.27 0.66 -12.59
CA ILE A 445 -25.85 -0.68 -12.25
C ILE A 445 -26.73 -1.65 -13.06
N GLY A 446 -26.12 -2.33 -14.04
CA GLY A 446 -26.85 -3.19 -14.94
C GLY A 446 -27.31 -4.51 -14.35
N PRO A 447 -28.19 -5.22 -15.06
CA PRO A 447 -28.68 -6.52 -14.58
C PRO A 447 -27.73 -7.70 -14.83
N GLN A 448 -26.69 -7.55 -15.63
CA GLN A 448 -25.82 -8.66 -15.98
C GLN A 448 -24.36 -8.35 -15.64
N LEU A 449 -23.63 -9.42 -15.32
CA LEU A 449 -22.22 -9.29 -14.94
C LEU A 449 -21.38 -9.21 -16.21
N ARG A 450 -20.70 -8.09 -16.42
CA ARG A 450 -19.77 -7.99 -17.54
C ARG A 450 -18.58 -8.91 -17.30
N SER A 451 -18.08 -9.52 -18.37
CA SER A 451 -16.85 -10.30 -18.30
C SER A 451 -15.75 -9.68 -19.15
N ASP A 452 -15.93 -8.46 -19.64
CA ASP A 452 -14.93 -7.76 -20.42
C ASP A 452 -14.27 -6.64 -19.62
N THR A 453 -14.23 -6.77 -18.30
CA THR A 453 -13.54 -5.65 -17.66
C THR A 453 -12.08 -6.03 -17.41
N PRO A 454 -11.15 -5.10 -17.52
CA PRO A 454 -9.72 -5.45 -17.49
C PRO A 454 -9.21 -5.77 -16.09
N THR A 455 -8.17 -6.60 -16.04
CA THR A 455 -7.55 -6.97 -14.77
C THR A 455 -6.50 -5.98 -14.29
N THR A 456 -5.84 -5.27 -15.21
CA THR A 456 -4.98 -4.15 -14.84
C THR A 456 -5.39 -2.90 -15.60
N LEU A 457 -5.05 -1.75 -15.01
CA LEU A 457 -5.14 -0.45 -15.67
C LEU A 457 -3.74 -0.08 -16.16
N THR A 458 -3.68 0.62 -17.31
CA THR A 458 -2.39 1.02 -17.89
C THR A 458 -1.54 1.75 -16.85
N THR A 459 -0.29 1.30 -16.68
CA THR A 459 0.59 1.93 -15.69
C THR A 459 0.89 3.38 -16.06
N PRO A 460 0.80 4.32 -15.13
CA PRO A 460 1.20 5.71 -15.44
C PRO A 460 2.72 5.83 -15.47
N HIS A 461 3.18 7.05 -15.70
CA HIS A 461 4.60 7.37 -15.74
C HIS A 461 4.78 8.83 -15.38
N THR A 462 5.86 9.17 -14.70
CA THR A 462 6.11 10.58 -14.42
C THR A 462 6.30 11.32 -15.74
N PHE A 463 5.92 12.59 -15.78
CA PHE A 463 6.14 13.44 -16.95
C PHE A 463 6.56 14.84 -16.51
N PRO A 464 7.77 14.98 -15.94
CA PRO A 464 8.28 16.29 -15.54
C PRO A 464 8.65 17.14 -16.75
N ASN B 32 27.45 -26.56 -10.96
CA ASN B 32 28.38 -25.62 -11.55
C ASN B 32 27.77 -24.24 -11.83
N ALA B 33 28.64 -23.22 -11.84
CA ALA B 33 28.36 -21.81 -12.09
C ALA B 33 27.34 -21.62 -13.21
N PRO B 34 26.06 -21.36 -12.87
CA PRO B 34 24.97 -21.46 -13.85
C PRO B 34 25.21 -20.76 -15.17
N PHE B 35 25.80 -19.56 -15.15
CA PHE B 35 26.03 -18.79 -16.36
C PHE B 35 27.48 -18.83 -16.79
N GLY B 36 28.28 -19.72 -16.21
CA GLY B 36 29.63 -19.93 -16.65
C GLY B 36 30.67 -19.07 -15.96
N TYR B 37 30.30 -18.24 -15.00
CA TYR B 37 31.26 -17.53 -14.19
C TYR B 37 30.99 -17.80 -12.72
N LYS B 38 32.06 -17.77 -11.93
CA LYS B 38 32.01 -18.07 -10.52
C LYS B 38 31.79 -16.80 -9.70
N SER B 39 31.18 -16.97 -8.53
CA SER B 39 30.96 -15.86 -7.62
C SER B 39 32.26 -15.20 -7.20
N GLY B 40 32.32 -13.86 -7.28
CA GLY B 40 33.51 -13.11 -6.95
C GLY B 40 34.51 -12.93 -8.09
N SER B 41 34.30 -13.60 -9.22
CA SER B 41 35.19 -13.49 -10.36
C SER B 41 35.01 -12.14 -11.07
N PRO B 42 36.03 -11.71 -11.84
CA PRO B 42 35.90 -10.46 -12.61
C PRO B 42 34.69 -10.39 -13.51
N GLU B 43 34.42 -11.44 -14.30
CA GLU B 43 33.25 -11.45 -15.16
C GLU B 43 31.95 -11.33 -14.34
N SER B 44 31.85 -12.10 -13.25
CA SER B 44 30.65 -12.08 -12.43
C SER B 44 30.37 -10.69 -11.88
N ILE B 45 31.41 -10.05 -11.34
CA ILE B 45 31.23 -8.72 -10.75
C ILE B 45 30.93 -7.68 -11.82
N LYS B 46 31.60 -7.79 -12.97
CA LYS B 46 31.33 -6.85 -14.06
C LYS B 46 29.90 -6.98 -14.53
N ASN B 47 29.43 -8.22 -14.74
CA ASN B 47 28.04 -8.42 -15.16
C ASN B 47 27.07 -7.92 -14.10
N LEU B 48 27.36 -8.20 -12.82
CA LEU B 48 26.49 -7.71 -11.75
C LEU B 48 26.35 -6.20 -11.79
N LYS B 49 27.47 -5.49 -11.91
CA LYS B 49 27.41 -4.03 -11.93
C LYS B 49 26.72 -3.51 -13.18
N ASP B 50 26.83 -4.22 -14.29
CA ASP B 50 26.17 -3.77 -15.52
C ASP B 50 24.66 -4.01 -15.47
N LYS B 51 24.21 -5.08 -14.82
CA LYS B 51 22.80 -5.41 -14.82
C LYS B 51 22.01 -4.79 -13.68
N ILE B 52 22.59 -4.69 -12.48
CA ILE B 52 21.82 -4.36 -11.28
C ILE B 52 22.18 -2.96 -10.84
N GLN B 53 21.19 -2.07 -10.89
CA GLN B 53 21.32 -0.75 -10.28
C GLN B 53 20.42 -0.57 -9.07
N ASN B 54 19.45 -1.47 -8.84
CA ASN B 54 18.51 -1.33 -7.73
C ASN B 54 18.35 -2.65 -7.00
N VAL B 55 18.43 -2.60 -5.67
CA VAL B 55 18.23 -3.77 -4.82
C VAL B 55 17.05 -3.48 -3.91
N VAL B 56 16.12 -4.42 -3.83
CA VAL B 56 15.06 -4.35 -2.84
C VAL B 56 15.12 -5.61 -1.97
N TRP B 57 15.07 -5.40 -0.67
CA TRP B 57 15.57 -6.29 0.36
C TRP B 57 14.44 -6.33 1.38
N ILE B 58 13.80 -7.49 1.52
CA ILE B 58 12.64 -7.67 2.39
C ILE B 58 12.91 -8.86 3.30
N LEU B 59 12.77 -8.66 4.59
CA LEU B 59 12.81 -9.75 5.57
C LEU B 59 11.37 -9.94 6.05
N LEU B 60 10.71 -10.99 5.56
CA LEU B 60 9.53 -11.51 6.22
C LEU B 60 9.95 -12.15 7.55
N GLU B 61 8.97 -12.67 8.31
CA GLU B 61 9.24 -13.10 9.68
C GLU B 61 8.83 -14.54 9.98
N ASN B 62 9.74 -15.26 10.63
CA ASN B 62 9.41 -16.33 11.57
C ASN B 62 8.88 -17.58 10.88
N ARG B 63 9.51 -18.00 9.78
CA ARG B 63 9.18 -19.25 9.09
C ARG B 63 10.45 -19.96 8.67
N SER B 64 10.42 -21.29 8.67
CA SER B 64 11.54 -22.12 8.26
C SER B 64 11.33 -22.65 6.85
N PHE B 65 12.38 -23.25 6.29
CA PHE B 65 12.32 -23.78 4.92
C PHE B 65 11.26 -24.85 4.80
N ASP B 66 11.30 -25.86 5.69
CA ASP B 66 10.34 -26.97 5.60
C ASP B 66 8.90 -26.50 5.79
N ASN B 67 8.69 -25.37 6.48
CA ASN B 67 7.32 -24.93 6.73
C ASN B 67 6.72 -24.28 5.48
N ILE B 68 7.41 -23.30 4.89
CA ILE B 68 6.86 -22.56 3.76
C ILE B 68 7.15 -23.28 2.44
N LEU B 69 8.29 -23.95 2.33
CA LEU B 69 8.69 -24.59 1.09
C LEU B 69 8.71 -26.12 1.20
N GLY B 70 8.06 -26.67 2.24
CA GLY B 70 8.15 -28.10 2.49
C GLY B 70 7.36 -28.96 1.53
N GLY B 71 6.37 -28.39 0.83
CA GLY B 71 5.48 -29.19 0.01
C GLY B 71 5.73 -29.12 -1.49
N PHE B 72 6.95 -28.72 -1.89
CA PHE B 72 7.35 -28.62 -3.28
C PHE B 72 8.16 -29.87 -3.63
N LYS B 73 7.53 -30.80 -4.36
CA LYS B 73 8.23 -31.99 -4.82
C LYS B 73 8.96 -31.62 -6.12
N ARG B 74 10.09 -30.93 -5.97
CA ARG B 74 10.82 -30.37 -7.08
C ARG B 74 12.31 -30.68 -6.95
N PRO B 75 13.01 -30.90 -8.07
CA PRO B 75 14.43 -31.23 -7.99
C PRO B 75 15.20 -30.16 -7.23
N GLY B 76 16.09 -30.59 -6.33
CA GLY B 76 16.91 -29.69 -5.56
C GLY B 76 16.35 -29.27 -4.21
N PHE B 77 15.07 -29.53 -3.93
CA PHE B 77 14.44 -29.14 -2.66
C PHE B 77 14.67 -30.24 -1.62
N ASP B 78 15.28 -29.86 -0.50
CA ASP B 78 15.52 -30.78 0.61
C ASP B 78 14.40 -30.48 1.62
N ASN B 79 13.35 -31.29 1.61
CA ASN B 79 12.11 -30.94 2.31
C ASN B 79 11.31 -32.22 2.54
N PRO B 80 10.17 -32.14 3.24
CA PRO B 80 9.39 -33.37 3.43
C PRO B 80 8.79 -33.92 2.15
N ALA B 81 8.36 -33.06 1.21
CA ALA B 81 7.77 -33.55 -0.04
C ALA B 81 8.68 -34.51 -0.79
N ASN B 82 9.99 -34.24 -0.78
CA ASN B 82 10.95 -35.10 -1.47
C ASN B 82 11.57 -36.15 -0.57
N ASN B 83 11.86 -35.80 0.68
CA ASN B 83 12.70 -36.63 1.53
C ASN B 83 12.02 -37.01 2.83
N GLY B 84 10.79 -36.59 3.05
CA GLY B 84 10.09 -36.92 4.26
C GLY B 84 9.36 -38.24 4.18
N PRO B 85 8.49 -38.49 5.14
CA PRO B 85 8.29 -37.58 6.27
C PRO B 85 9.39 -37.65 7.35
N PHE B 86 9.54 -36.58 8.11
CA PHE B 86 10.42 -36.54 9.25
C PHE B 86 9.58 -36.60 10.53
N CYS B 87 10.02 -37.42 11.48
CA CYS B 87 9.25 -37.67 12.70
C CYS B 87 10.12 -37.42 13.92
N ILE B 88 9.56 -36.74 14.92
CA ILE B 88 10.29 -36.45 16.15
C ILE B 88 9.38 -36.78 17.33
N PRO B 89 9.94 -36.95 18.53
CA PRO B 89 9.09 -37.25 19.68
C PRO B 89 8.36 -36.01 20.19
N GLN B 90 7.27 -36.28 20.91
CA GLN B 90 6.52 -35.24 21.60
C GLN B 90 7.29 -34.72 22.82
N ASN B 91 8.00 -35.62 23.49
CA ASN B 91 8.71 -35.38 24.74
C ASN B 91 10.07 -36.07 24.58
N VAL B 92 11.15 -35.29 24.46
CA VAL B 92 12.45 -35.92 24.22
C VAL B 92 12.97 -36.67 25.45
N SER B 93 12.39 -36.44 26.64
CA SER B 93 12.82 -37.11 27.88
C SER B 93 12.19 -38.49 28.07
N ASN B 94 11.17 -38.85 27.28
CA ASN B 94 10.48 -40.12 27.40
C ASN B 94 10.84 -41.01 26.22
N PRO B 95 11.55 -42.12 26.42
CA PRO B 95 11.86 -42.99 25.28
C PRO B 95 10.61 -43.57 24.61
N ASN B 96 9.47 -43.61 25.29
CA ASN B 96 8.23 -44.10 24.71
C ASN B 96 7.35 -42.98 24.18
N SER B 97 7.85 -41.76 24.11
CA SER B 97 7.05 -40.65 23.63
C SER B 97 6.54 -40.93 22.22
N PRO B 98 5.27 -40.66 21.93
CA PRO B 98 4.79 -40.85 20.56
C PRO B 98 5.51 -39.91 19.60
N LYS B 99 5.59 -40.30 18.34
CA LYS B 99 6.23 -39.49 17.32
C LYS B 99 5.20 -38.63 16.60
N TRP B 100 5.62 -37.43 16.21
CA TRP B 100 4.85 -36.55 15.37
C TRP B 100 5.66 -36.25 14.12
N CYS B 101 4.99 -36.27 12.98
CA CYS B 101 5.64 -36.22 11.69
C CYS B 101 5.25 -34.94 10.96
N THR B 102 6.12 -34.58 10.01
CA THR B 102 5.77 -33.57 9.02
C THR B 102 4.54 -34.01 8.24
N LYS B 103 3.57 -33.12 8.11
CA LYS B 103 2.34 -33.41 7.38
C LYS B 103 1.99 -32.22 6.49
N ALA B 104 1.35 -32.53 5.36
CA ALA B 104 0.87 -31.49 4.46
C ALA B 104 -0.24 -30.69 5.11
N LYS B 105 -0.27 -29.40 4.78
CA LYS B 105 -1.22 -28.39 5.26
C LYS B 105 -0.84 -27.86 6.65
N ASP B 106 -0.97 -26.55 6.83
CA ASP B 106 -0.78 -25.90 8.12
C ASP B 106 -1.79 -24.77 8.24
N PHE B 107 -1.87 -24.16 9.42
CA PHE B 107 -2.83 -23.09 9.62
C PHE B 107 -2.43 -21.83 8.87
N ASP B 108 -3.41 -21.23 8.17
CA ASP B 108 -3.24 -19.88 7.67
C ASP B 108 -2.83 -18.94 8.81
N SER B 109 -3.46 -19.08 9.98
CA SER B 109 -3.09 -18.32 11.18
C SER B 109 -2.69 -19.31 12.26
N VAL B 110 -1.40 -19.46 12.54
CA VAL B 110 -1.06 -20.32 13.66
C VAL B 110 -1.20 -19.50 14.93
N LEU B 111 -2.04 -20.01 15.85
CA LEU B 111 -2.50 -19.25 17.00
C LEU B 111 -1.50 -19.28 18.14
N ASN B 112 -0.57 -20.24 18.15
CA ASN B 112 0.40 -20.42 19.21
C ASN B 112 1.79 -20.19 18.63
N ASP B 113 2.33 -19.02 18.90
CA ASP B 113 3.60 -18.59 18.32
C ASP B 113 4.76 -19.43 18.86
N PRO B 114 5.43 -20.22 18.02
CA PRO B 114 6.50 -21.10 18.51
C PRO B 114 7.70 -20.32 19.02
N SER B 115 8.49 -20.98 19.88
CA SER B 115 9.60 -20.31 20.53
C SER B 115 10.73 -20.04 19.53
N HIS B 116 11.18 -18.79 19.48
CA HIS B 116 12.34 -18.45 18.68
C HIS B 116 13.40 -17.74 19.54
N SER B 117 13.39 -18.01 20.84
CA SER B 117 14.43 -17.48 21.70
C SER B 117 15.71 -18.31 21.56
N VAL B 118 16.80 -17.80 22.15
CA VAL B 118 18.06 -18.52 22.08
C VAL B 118 17.93 -19.88 22.78
N THR B 119 17.43 -19.89 24.02
CA THR B 119 17.28 -21.16 24.70
C THR B 119 16.17 -22.02 24.08
N GLY B 120 15.12 -21.39 23.52
CA GLY B 120 14.12 -22.16 22.78
C GLY B 120 14.71 -22.88 21.57
N ASN B 121 15.53 -22.16 20.78
CA ASN B 121 16.26 -22.80 19.67
C ASN B 121 17.15 -23.94 20.17
N ASN B 122 17.81 -23.76 21.33
CA ASN B 122 18.62 -24.84 21.91
C ASN B 122 17.77 -26.09 22.11
N MET B 123 16.63 -25.94 22.76
CA MET B 123 15.71 -27.06 22.96
C MET B 123 15.27 -27.65 21.63
N GLU B 124 15.00 -26.81 20.63
CA GLU B 124 14.55 -27.31 19.35
C GLU B 124 15.66 -28.07 18.63
N PHE B 125 16.86 -27.48 18.56
CA PHE B 125 17.92 -28.01 17.70
C PHE B 125 18.70 -29.11 18.39
N TYR B 126 18.93 -28.96 19.70
CA TYR B 126 19.78 -29.85 20.49
C TYR B 126 19.01 -30.68 21.53
N GLY B 127 17.74 -30.41 21.75
CA GLY B 127 16.99 -31.22 22.69
C GLY B 127 17.30 -30.95 24.14
N THR B 128 17.94 -29.81 24.43
CA THR B 128 18.25 -29.41 25.80
C THR B 128 18.44 -27.90 25.82
N PHE B 129 18.06 -27.28 26.96
CA PHE B 129 18.09 -25.83 27.05
C PHE B 129 19.52 -25.29 27.10
N SER B 130 20.46 -26.07 27.65
CA SER B 130 21.84 -25.62 27.86
C SER B 130 22.81 -26.65 27.30
N PRO B 131 22.97 -26.71 25.99
CA PRO B 131 23.88 -27.71 25.42
C PRO B 131 25.34 -27.39 25.74
N ASP B 132 26.16 -28.44 25.69
CA ASP B 132 27.58 -28.32 25.97
C ASP B 132 28.27 -27.52 24.88
N ASN B 133 28.76 -26.33 25.22
CA ASN B 133 29.34 -25.47 24.20
C ASN B 133 30.70 -25.98 23.74
N ALA B 134 31.48 -26.59 24.63
CA ALA B 134 32.72 -27.22 24.19
C ALA B 134 32.44 -28.38 23.23
N ALA B 135 31.39 -29.15 23.50
CA ALA B 135 31.03 -30.24 22.60
C ALA B 135 30.49 -29.72 21.26
N ILE B 136 29.79 -28.59 21.27
CA ILE B 136 29.36 -27.99 20.01
C ILE B 136 30.57 -27.51 19.20
N ALA B 137 31.51 -26.80 19.87
CA ALA B 137 32.61 -26.18 19.15
C ALA B 137 33.56 -27.19 18.53
N SER B 138 33.62 -28.40 19.06
CA SER B 138 34.53 -29.42 18.56
C SER B 138 33.85 -30.49 17.72
N GLY B 139 32.52 -30.48 17.63
CA GLY B 139 31.82 -31.43 16.79
C GLY B 139 31.28 -32.66 17.50
N LYS B 140 31.68 -32.91 18.75
CA LYS B 140 31.13 -34.06 19.47
C LYS B 140 29.61 -34.02 19.47
N LEU B 141 29.03 -32.82 19.59
CA LEU B 141 27.58 -32.64 19.73
C LEU B 141 27.07 -31.89 18.51
N GLN B 142 26.34 -32.59 17.64
CA GLN B 142 25.62 -32.08 16.48
C GLN B 142 24.12 -31.95 16.78
N PRO B 143 23.43 -30.98 16.17
CA PRO B 143 21.98 -30.84 16.42
C PRO B 143 21.17 -31.97 15.79
N SER B 144 20.24 -32.52 16.55
CA SER B 144 19.37 -33.60 16.10
C SER B 144 18.03 -33.13 15.54
N GLN B 145 17.66 -31.85 15.75
CA GLN B 145 16.41 -31.29 15.20
C GLN B 145 15.19 -32.05 15.71
N GLN B 146 15.24 -32.44 16.98
CA GLN B 146 14.25 -33.31 17.59
C GLN B 146 13.40 -32.62 18.65
N GLY B 147 13.70 -31.38 19.02
CA GLY B 147 12.98 -30.76 20.11
C GLY B 147 11.77 -29.90 19.77
N PHE B 148 11.34 -29.82 18.49
CA PHE B 148 10.41 -28.77 18.08
C PHE B 148 9.02 -28.94 18.68
N VAL B 149 8.50 -30.17 18.75
CA VAL B 149 7.18 -30.34 19.36
C VAL B 149 7.27 -30.20 20.88
N ASP B 150 8.37 -30.71 21.45
CA ASP B 150 8.63 -30.59 22.88
C ASP B 150 8.61 -29.12 23.32
N MET B 151 9.29 -28.26 22.56
CA MET B 151 9.40 -26.84 22.92
C MET B 151 8.05 -26.14 22.78
N GLN B 152 7.27 -26.51 21.76
CA GLN B 152 5.93 -25.95 21.62
C GLN B 152 5.09 -26.28 22.86
N LEU B 153 5.21 -27.50 23.40
CA LEU B 153 4.44 -27.81 24.60
C LEU B 153 5.02 -27.16 25.84
N VAL B 154 6.32 -26.86 25.85
CA VAL B 154 6.87 -26.09 26.97
C VAL B 154 6.26 -24.70 27.00
N SER B 155 6.09 -24.09 25.81
CA SER B 155 5.54 -22.75 25.66
C SER B 155 4.02 -22.72 25.89
N TYR B 156 3.31 -23.77 25.51
CA TYR B 156 1.85 -23.82 25.62
C TYR B 156 1.49 -25.16 26.25
N PRO B 157 1.68 -25.29 27.57
CA PRO B 157 1.50 -26.61 28.23
C PRO B 157 0.08 -27.12 28.21
N LYS B 158 -0.92 -26.25 28.02
CA LYS B 158 -2.29 -26.70 27.90
C LYS B 158 -2.69 -27.03 26.45
N LEU B 159 -1.80 -26.80 25.49
CA LEU B 159 -2.17 -26.98 24.09
C LEU B 159 -2.27 -28.46 23.76
N ASP B 160 -3.23 -28.80 22.90
CA ASP B 160 -3.37 -30.19 22.50
C ASP B 160 -2.15 -30.60 21.69
N PRO B 161 -1.51 -31.74 22.01
CA PRO B 161 -0.30 -32.14 21.27
C PRO B 161 -0.47 -32.23 19.76
N GLN B 162 -1.63 -32.66 19.29
CA GLN B 162 -1.87 -32.75 17.86
C GLN B 162 -1.84 -31.36 17.20
N VAL B 163 -2.45 -30.37 17.86
CA VAL B 163 -2.39 -29.00 17.35
C VAL B 163 -0.96 -28.48 17.38
N ALA B 164 -0.28 -28.63 18.51
CA ALA B 164 1.14 -28.28 18.58
C ALA B 164 1.90 -28.88 17.40
N ALA B 165 1.74 -30.20 17.19
CA ALA B 165 2.38 -30.87 16.07
C ALA B 165 2.01 -30.24 14.74
N GLU B 166 0.71 -30.00 14.51
CA GLU B 166 0.30 -29.43 13.23
C GLU B 166 0.93 -28.05 13.04
N GLN B 167 1.00 -27.27 14.12
CA GLN B 167 1.53 -25.91 14.00
C GLN B 167 3.00 -25.89 13.58
N VAL B 168 3.83 -26.73 14.21
CA VAL B 168 5.26 -26.61 13.97
C VAL B 168 5.74 -27.62 12.94
N MET B 169 5.05 -28.77 12.80
CA MET B 169 5.48 -29.84 11.91
C MET B 169 4.89 -29.72 10.51
N GLY B 170 3.72 -29.10 10.38
CA GLY B 170 3.07 -29.04 9.09
C GLY B 170 3.79 -28.11 8.13
N TYR B 171 3.50 -28.30 6.85
CA TYR B 171 4.01 -27.43 5.80
C TYR B 171 2.86 -27.06 4.89
N TYR B 172 2.96 -25.91 4.24
CA TYR B 172 1.87 -25.44 3.40
C TYR B 172 1.88 -26.17 2.07
N THR B 173 0.69 -26.57 1.60
CA THR B 173 0.56 -27.10 0.25
C THR B 173 0.66 -25.95 -0.74
N GLU B 174 1.09 -26.29 -1.97
CA GLU B 174 1.13 -25.29 -3.03
C GLU B 174 -0.22 -24.63 -3.23
N ASP B 175 -1.31 -25.37 -3.02
CA ASP B 175 -2.65 -24.80 -3.16
C ASP B 175 -2.90 -23.71 -2.12
N GLU B 176 -2.22 -23.78 -0.98
CA GLU B 176 -2.39 -22.78 0.07
C GLU B 176 -1.46 -21.59 -0.10
N ILE B 177 -0.36 -21.76 -0.81
CA ILE B 177 0.61 -20.69 -1.02
C ILE B 177 0.85 -20.46 -2.50
N PRO B 178 -0.18 -20.21 -3.33
CA PRO B 178 0.07 -20.08 -4.77
C PRO B 178 0.99 -18.92 -5.12
N THR B 179 0.99 -17.84 -4.32
CA THR B 179 1.89 -16.71 -4.58
C THR B 179 3.35 -17.12 -4.40
N ILE B 180 3.63 -17.88 -3.33
CA ILE B 180 4.98 -18.43 -3.16
C ILE B 180 5.31 -19.39 -4.29
N ALA B 181 4.35 -20.26 -4.64
CA ALA B 181 4.57 -21.25 -5.68
C ALA B 181 4.92 -20.57 -6.99
N ASN B 182 4.24 -19.46 -7.29
CA ASN B 182 4.56 -18.68 -8.47
C ASN B 182 6.02 -18.23 -8.48
N LEU B 183 6.54 -17.80 -7.33
CA LEU B 183 7.94 -17.37 -7.26
C LEU B 183 8.88 -18.55 -7.46
N VAL B 184 8.55 -19.70 -6.87
CA VAL B 184 9.37 -20.90 -7.02
C VAL B 184 9.46 -21.31 -8.48
N ASP B 185 8.35 -21.21 -9.22
CA ASP B 185 8.36 -21.67 -10.60
C ASP B 185 9.14 -20.75 -11.52
N GLU B 186 9.20 -19.45 -11.21
CA GLU B 186 9.70 -18.48 -12.16
C GLU B 186 11.07 -17.91 -11.81
N PHE B 187 11.58 -18.16 -10.60
CA PHE B 187 12.83 -17.55 -10.16
C PHE B 187 13.68 -18.56 -9.37
N THR B 188 14.53 -18.09 -8.47
CA THR B 188 15.53 -18.93 -7.83
C THR B 188 15.27 -19.00 -6.32
N VAL B 189 15.26 -20.21 -5.77
CA VAL B 189 15.18 -20.38 -4.33
C VAL B 189 16.51 -20.94 -3.84
N PHE B 190 16.84 -20.62 -2.59
CA PHE B 190 18.04 -21.13 -1.95
C PHE B 190 17.63 -22.28 -1.03
N ASN B 191 18.22 -23.45 -1.24
CA ASN B 191 17.97 -24.64 -0.44
C ASN B 191 18.92 -24.74 0.76
N ARG B 192 19.90 -23.82 0.88
CA ARG B 192 20.89 -23.85 1.98
C ARG B 192 21.13 -22.41 2.47
N TRP B 193 20.08 -21.80 3.05
CA TRP B 193 20.14 -20.41 3.52
C TRP B 193 19.65 -20.34 4.96
N PHE B 194 20.52 -19.89 5.85
CA PHE B 194 20.34 -19.99 7.29
C PHE B 194 20.30 -18.58 7.88
N SER B 195 19.60 -18.43 9.01
CA SER B 195 19.59 -17.11 9.61
C SER B 195 20.91 -16.88 10.34
N CYS B 196 21.24 -15.59 10.54
CA CYS B 196 22.54 -15.26 11.12
C CYS B 196 22.64 -15.74 12.57
N VAL B 197 21.60 -15.54 13.38
CA VAL B 197 21.70 -16.00 14.77
C VAL B 197 20.56 -16.92 15.14
N PRO B 198 20.84 -17.98 15.92
CA PRO B 198 19.77 -18.86 16.43
C PRO B 198 19.09 -18.20 17.63
N GLY B 199 18.28 -17.19 17.30
CA GLY B 199 17.64 -16.34 18.28
C GLY B 199 16.50 -15.56 17.65
N PRO B 200 15.97 -14.55 18.35
CA PRO B 200 14.75 -13.88 17.86
C PRO B 200 14.97 -12.80 16.80
N THR B 201 13.95 -11.95 16.61
CA THR B 201 13.82 -11.13 15.41
C THR B 201 14.93 -10.10 15.29
N ASN B 202 15.14 -9.30 16.33
CA ASN B 202 15.98 -8.11 16.17
C ASN B 202 17.48 -8.43 16.21
N PRO B 203 17.95 -9.38 17.04
CA PRO B 203 19.32 -9.85 16.84
C PRO B 203 19.58 -10.28 15.41
N ASN B 204 18.60 -10.94 14.78
CA ASN B 204 18.77 -11.42 13.41
C ASN B 204 18.71 -10.29 12.40
N ARG B 205 17.77 -9.35 12.57
CA ARG B 205 17.71 -8.20 11.67
C ARG B 205 18.98 -7.36 11.78
N LEU B 206 19.49 -7.19 13.00
CA LEU B 206 20.72 -6.43 13.19
C LEU B 206 21.89 -7.11 12.51
N CYS B 207 22.00 -8.43 12.61
CA CYS B 207 23.12 -9.12 11.99
C CYS B 207 23.03 -9.05 10.46
N ALA B 208 21.82 -9.13 9.92
CA ALA B 208 21.65 -8.97 8.48
C ALA B 208 22.11 -7.60 8.00
N LEU B 209 21.90 -6.56 8.80
CA LEU B 209 22.20 -5.21 8.39
C LEU B 209 23.60 -4.75 8.78
N ALA B 210 24.21 -5.35 9.81
CA ALA B 210 25.50 -4.88 10.29
C ALA B 210 26.58 -5.96 10.32
N GLY B 211 26.27 -7.19 9.93
CA GLY B 211 27.24 -8.27 10.01
C GLY B 211 27.48 -8.82 11.39
N THR B 212 26.79 -8.30 12.42
CA THR B 212 26.94 -8.80 13.77
C THR B 212 25.71 -8.39 14.57
N ALA B 213 25.30 -9.25 15.51
CA ALA B 213 24.28 -8.87 16.47
C ALA B 213 24.87 -8.14 17.66
N ALA B 214 26.19 -8.00 17.70
CA ALA B 214 26.92 -7.24 18.72
C ALA B 214 26.38 -7.53 20.12
N GLY B 215 26.37 -8.82 20.50
CA GLY B 215 25.96 -9.25 21.83
C GLY B 215 24.46 -9.23 22.10
N HIS B 216 23.63 -8.77 21.16
CA HIS B 216 22.19 -8.74 21.37
C HIS B 216 21.61 -10.13 21.09
N GLY B 217 20.83 -10.64 22.04
CA GLY B 217 20.28 -11.97 21.90
C GLY B 217 18.79 -12.07 22.15
N THR B 218 18.18 -10.97 22.56
CA THR B 218 16.72 -10.87 22.70
C THR B 218 16.28 -9.54 22.10
N ASN B 219 14.96 -9.31 22.07
CA ASN B 219 14.44 -8.02 21.61
C ASN B 219 14.53 -7.01 22.76
N ASP B 220 15.73 -6.47 22.93
CA ASP B 220 15.96 -5.56 24.04
C ASP B 220 15.63 -4.11 23.66
N ASN B 221 15.80 -3.21 24.63
CA ASN B 221 15.34 -1.83 24.50
C ASN B 221 16.12 -1.02 23.47
N SER B 222 17.35 -1.41 23.12
CA SER B 222 18.12 -0.63 22.14
C SER B 222 17.39 -0.49 20.81
N PHE B 223 16.60 -1.49 20.43
CA PHE B 223 15.88 -1.46 19.15
C PHE B 223 14.66 -0.57 19.22
N ASP B 224 14.26 -0.13 20.42
CA ASP B 224 13.11 0.75 20.60
C ASP B 224 13.50 2.21 20.81
N VAL B 225 14.80 2.51 20.96
CA VAL B 225 15.24 3.87 21.28
C VAL B 225 16.34 4.31 20.33
N SER B 226 16.45 3.67 19.16
CA SER B 226 17.54 3.90 18.21
C SER B 226 18.89 3.90 18.94
N GLY B 227 19.07 2.92 19.81
CA GLY B 227 20.25 2.84 20.65
C GLY B 227 21.38 1.99 20.12
N ILE B 228 21.32 1.54 18.86
CA ILE B 228 22.39 0.71 18.31
C ILE B 228 23.44 1.61 17.65
N ASP B 229 24.64 1.60 18.21
CA ASP B 229 25.67 2.58 17.90
C ASP B 229 26.81 1.99 17.07
N ILE B 230 26.55 0.91 16.33
CA ILE B 230 27.53 0.35 15.42
C ILE B 230 27.14 0.70 13.98
N LYS B 231 28.05 0.40 13.04
CA LYS B 231 27.90 0.76 11.63
C LYS B 231 26.96 -0.21 10.92
N GLY B 232 25.90 0.31 10.31
CA GLY B 232 25.00 -0.51 9.53
C GLY B 232 25.09 -0.21 8.04
N ILE B 233 24.37 -1.00 7.25
CA ILE B 233 24.42 -0.85 5.80
C ILE B 233 23.95 0.54 5.39
N PHE B 234 23.00 1.12 6.14
CA PHE B 234 22.47 2.44 5.78
C PHE B 234 23.53 3.52 5.97
N GLN B 235 24.28 3.47 7.07
CA GLN B 235 25.40 4.39 7.26
C GLN B 235 26.48 4.17 6.20
N VAL B 236 26.87 2.92 5.96
CA VAL B 236 27.79 2.58 4.87
C VAL B 236 27.28 3.17 3.54
N ALA B 237 25.99 3.05 3.26
CA ALA B 237 25.47 3.51 1.97
C ALA B 237 25.57 5.03 1.83
N ASP B 238 25.27 5.78 2.89
CA ASP B 238 25.47 7.22 2.86
C ASP B 238 26.94 7.60 2.70
N GLU B 239 27.85 6.81 3.28
CA GLU B 239 29.27 7.11 3.16
C GLU B 239 29.78 6.85 1.75
N LYS B 240 29.13 5.96 1.00
CA LYS B 240 29.61 5.55 -0.32
C LYS B 240 28.85 6.22 -1.46
N GLY B 241 27.88 7.08 -1.16
CA GLY B 241 27.06 7.69 -2.18
C GLY B 241 25.89 6.87 -2.66
N VAL B 242 25.54 5.79 -1.96
CA VAL B 242 24.47 4.90 -2.39
C VAL B 242 23.17 5.35 -1.73
N SER B 243 22.22 5.79 -2.53
CA SER B 243 20.93 6.24 -2.01
C SER B 243 20.14 5.06 -1.46
N TRP B 244 19.37 5.32 -0.41
CA TRP B 244 18.59 4.25 0.20
C TRP B 244 17.30 4.79 0.78
N LYS B 245 16.36 3.87 0.98
CA LYS B 245 15.14 4.19 1.71
C LYS B 245 14.70 2.94 2.47
N ASN B 246 14.21 3.15 3.68
CA ASN B 246 13.60 2.11 4.48
C ASN B 246 12.08 2.34 4.42
N TYR B 247 11.38 1.50 3.70
CA TYR B 247 9.94 1.67 3.55
C TYR B 247 9.23 1.02 4.74
N ASP B 248 8.50 1.83 5.49
CA ASP B 248 8.01 1.47 6.82
C ASP B 248 6.58 0.94 6.74
N GLY B 249 6.42 -0.36 6.88
CA GLY B 249 5.08 -0.92 6.91
C GLY B 249 4.67 -1.44 8.28
N THR B 250 5.40 -1.04 9.33
CA THR B 250 5.11 -1.44 10.71
C THR B 250 3.86 -0.79 11.29
N ASN B 251 3.31 0.24 10.65
CA ASN B 251 2.17 0.99 11.16
C ASN B 251 2.48 1.75 12.44
N GLY B 252 3.74 2.04 12.73
CA GLY B 252 4.10 2.73 13.97
C GLY B 252 4.01 1.90 15.24
N ALA B 253 3.78 0.59 15.15
CA ALA B 253 3.79 -0.22 16.36
C ALA B 253 5.19 -0.32 16.94
N PHE B 254 6.23 -0.30 16.10
CA PHE B 254 7.62 -0.40 16.52
C PHE B 254 8.47 0.33 15.49
N LEU B 255 9.73 0.60 15.84
CA LEU B 255 10.63 1.32 14.92
C LEU B 255 11.09 0.41 13.80
N PRO B 256 11.07 0.86 12.54
CA PRO B 256 11.59 0.01 11.45
C PRO B 256 13.11 -0.10 11.56
N ASP B 257 13.66 -1.05 10.80
CA ASP B 257 15.04 -1.51 11.02
C ASP B 257 16.05 -0.36 10.92
N ALA B 258 15.87 0.56 9.95
CA ALA B 258 16.88 1.60 9.80
C ALA B 258 16.96 2.48 11.05
N LEU B 259 15.87 2.57 11.81
CA LEU B 259 15.83 3.36 13.03
C LEU B 259 16.27 2.56 14.26
N PHE B 260 16.85 1.37 14.05
CA PHE B 260 17.64 0.75 15.11
C PHE B 260 18.84 1.62 15.48
N PHE B 261 19.39 2.34 14.51
CA PHE B 261 20.69 2.99 14.60
C PHE B 261 20.52 4.45 15.00
N ASN B 262 21.30 4.89 16.00
CA ASN B 262 21.28 6.32 16.32
C ASN B 262 21.78 7.16 15.17
N TYR B 263 22.69 6.60 14.35
CA TYR B 263 23.05 7.28 13.11
C TYR B 263 21.82 7.69 12.32
N THR B 264 20.90 6.75 12.09
CA THR B 264 19.72 7.08 11.28
C THR B 264 18.84 8.10 11.98
N ALA B 265 18.62 7.91 13.28
CA ALA B 265 17.77 8.83 14.04
C ALA B 265 18.37 10.22 14.10
N LYS B 266 19.70 10.32 14.12
CA LYS B 266 20.32 11.64 14.21
C LYS B 266 20.27 12.37 12.87
N TYR B 267 20.52 11.65 11.76
CA TYR B 267 20.79 12.30 10.48
C TYR B 267 19.87 11.93 9.34
N LYS B 268 19.13 10.82 9.42
CA LYS B 268 18.53 10.30 8.20
C LYS B 268 17.10 9.82 8.38
N LYS B 269 16.36 10.39 9.34
CA LYS B 269 14.98 9.96 9.52
C LYS B 269 14.16 10.16 8.26
N GLN B 270 14.54 11.11 7.42
CA GLN B 270 13.81 11.39 6.18
C GLN B 270 13.96 10.27 5.14
N ASN B 271 14.91 9.35 5.31
CA ASN B 271 14.95 8.18 4.43
C ASN B 271 14.04 7.05 4.90
N VAL B 272 13.34 7.23 6.02
CA VAL B 272 12.35 6.28 6.51
C VAL B 272 10.99 6.82 6.10
N VAL B 273 10.33 6.17 5.13
CA VAL B 273 9.10 6.68 4.54
C VAL B 273 7.97 5.65 4.66
N PRO B 274 6.71 6.03 4.45
CA PRO B 274 5.61 5.06 4.58
C PRO B 274 5.67 3.96 3.51
N LEU B 275 5.03 2.84 3.85
CA LEU B 275 4.98 1.71 2.94
C LEU B 275 4.43 2.09 1.57
N GLU B 276 3.41 2.95 1.52
CA GLU B 276 2.78 3.26 0.25
C GLU B 276 3.76 3.93 -0.71
N ASN B 277 4.73 4.67 -0.15
CA ASN B 277 5.79 5.28 -0.97
C ASN B 277 6.52 4.23 -1.81
N PHE B 278 6.61 2.98 -1.33
CA PHE B 278 7.32 1.99 -2.12
C PHE B 278 6.56 1.68 -3.40
N PHE B 279 5.26 1.39 -3.28
CA PHE B 279 4.46 1.10 -4.46
C PHE B 279 4.50 2.26 -5.45
N GLN B 280 4.36 3.50 -4.95
CA GLN B 280 4.51 4.67 -5.79
C GLN B 280 5.86 4.69 -6.50
N ASP B 281 6.96 4.53 -5.73
CA ASP B 281 8.29 4.62 -6.32
C ASP B 281 8.54 3.49 -7.32
N ALA B 282 8.13 2.26 -6.99
CA ALA B 282 8.44 1.14 -7.85
C ALA B 282 7.65 1.20 -9.17
N TYR B 283 6.36 1.55 -9.11
CA TYR B 283 5.60 1.67 -10.36
C TYR B 283 6.10 2.82 -11.23
N LEU B 284 6.63 3.87 -10.62
CA LEU B 284 7.04 5.05 -11.35
C LEU B 284 8.53 5.04 -11.68
N GLY B 285 9.27 4.03 -11.23
CA GLY B 285 10.70 4.00 -11.47
C GLY B 285 11.48 5.03 -10.70
N LEU B 286 11.08 5.31 -9.46
CA LEU B 286 11.75 6.26 -8.59
C LEU B 286 12.42 5.59 -7.40
N LEU B 287 12.69 4.29 -7.48
CA LEU B 287 13.26 3.58 -6.34
C LEU B 287 14.70 4.06 -6.11
N PRO B 288 15.15 4.12 -4.87
CA PRO B 288 16.58 4.39 -4.61
C PRO B 288 17.39 3.15 -4.95
N GLN B 289 18.73 3.22 -4.84
CA GLN B 289 19.52 2.04 -5.18
C GLN B 289 19.26 0.91 -4.20
N LEU B 290 19.10 1.22 -2.92
CA LEU B 290 18.78 0.22 -1.92
C LEU B 290 17.44 0.56 -1.28
N SER B 291 16.46 -0.32 -1.49
CA SER B 291 15.15 -0.27 -0.83
C SER B 291 15.09 -1.39 0.19
N TYR B 292 14.67 -1.06 1.41
CA TYR B 292 14.53 -2.02 2.50
C TYR B 292 13.14 -1.85 3.08
N ILE B 293 12.35 -2.93 3.03
CA ILE B 293 10.93 -2.88 3.36
C ILE B 293 10.67 -3.62 4.66
N ASN B 294 10.10 -2.91 5.65
CA ASN B 294 9.65 -3.53 6.89
C ASN B 294 8.17 -3.90 6.79
N PRO B 295 7.80 -5.17 7.00
CA PRO B 295 6.37 -5.53 7.09
C PRO B 295 5.73 -5.10 8.42
N SER B 296 4.41 -5.29 8.52
CA SER B 296 3.68 -5.08 9.78
C SER B 296 3.68 -6.38 10.58
N CYS B 297 3.75 -6.28 11.90
CA CYS B 297 4.07 -7.51 12.60
C CYS B 297 3.14 -7.86 13.73
N CYS B 298 2.82 -9.16 13.72
CA CYS B 298 2.30 -9.95 14.82
C CYS B 298 0.92 -9.41 15.15
N GLY B 299 -0.09 -10.18 14.90
CA GLY B 299 -1.42 -9.76 15.30
C GLY B 299 -2.28 -9.44 14.10
N LEU B 300 -3.48 -8.94 14.39
CA LEU B 300 -4.52 -8.91 13.38
C LEU B 300 -4.18 -7.97 12.23
N ASP B 301 -4.41 -8.46 11.01
CA ASP B 301 -4.24 -7.72 9.77
C ASP B 301 -2.78 -7.42 9.46
N THR B 302 -1.83 -8.13 10.06
CA THR B 302 -0.43 -7.91 9.76
C THR B 302 0.02 -8.88 8.67
N ASN B 303 1.13 -8.52 8.01
CA ASN B 303 1.50 -9.19 6.77
C ASN B 303 2.91 -9.76 6.77
N SER B 304 3.56 -9.86 7.93
CA SER B 304 4.94 -10.32 7.98
C SER B 304 5.03 -11.83 7.96
N MET B 305 3.94 -12.51 8.33
CA MET B 305 3.81 -13.95 8.41
C MET B 305 4.28 -14.39 9.80
N HIS B 306 4.74 -13.46 10.65
CA HIS B 306 4.98 -13.77 12.05
C HIS B 306 3.69 -14.28 12.66
N PRO B 307 3.73 -15.47 13.30
CA PRO B 307 2.47 -16.10 13.75
C PRO B 307 1.51 -15.21 14.49
N THR B 308 0.29 -15.71 14.34
CA THR B 308 -1.02 -15.10 14.35
C THR B 308 -1.29 -14.47 12.98
N GLY B 309 -0.38 -13.66 12.46
CA GLY B 309 -0.57 -13.11 11.12
C GLY B 309 -0.62 -14.20 10.05
N ASN B 310 -1.56 -14.05 9.12
CA ASN B 310 -1.76 -15.12 8.12
C ASN B 310 -0.69 -15.20 7.06
N VAL B 311 -0.49 -16.42 6.61
CA VAL B 311 0.27 -16.67 5.39
C VAL B 311 -0.39 -15.99 4.21
N SER B 312 -1.73 -15.96 4.18
CA SER B 312 -2.45 -15.35 3.06
C SER B 312 -2.24 -13.83 3.00
N PHE B 313 -2.31 -13.15 4.15
CA PHE B 313 -1.99 -11.72 4.17
C PHE B 313 -0.55 -11.49 3.73
N GLY B 314 0.37 -12.34 4.17
CA GLY B 314 1.75 -12.17 3.77
C GLY B 314 1.93 -12.30 2.28
N GLN B 315 1.16 -13.19 1.64
CA GLN B 315 1.28 -13.37 0.20
C GLN B 315 0.76 -12.17 -0.59
N VAL B 316 -0.27 -11.45 -0.12
CA VAL B 316 -0.67 -10.28 -0.92
C VAL B 316 0.38 -9.18 -0.81
N PHE B 317 0.96 -9.00 0.36
CA PHE B 317 2.10 -8.11 0.54
C PHE B 317 3.20 -8.42 -0.47
N VAL B 318 3.61 -9.69 -0.55
CA VAL B 318 4.63 -10.12 -1.51
C VAL B 318 4.18 -9.85 -2.94
N LYS B 319 2.93 -10.20 -3.26
CA LYS B 319 2.40 -9.92 -4.60
C LYS B 319 2.46 -8.44 -4.93
N GLN B 320 2.06 -7.58 -3.99
CA GLN B 320 2.11 -6.13 -4.22
C GLN B 320 3.53 -5.66 -4.52
N ILE B 321 4.50 -6.08 -3.71
CA ILE B 321 5.88 -5.64 -3.90
C ILE B 321 6.38 -6.07 -5.28
N TYR B 322 6.17 -7.34 -5.63
CA TYR B 322 6.64 -7.84 -6.92
C TYR B 322 6.01 -7.07 -8.06
N GLU B 323 4.68 -6.97 -8.06
CA GLU B 323 4.01 -6.33 -9.19
C GLU B 323 4.41 -4.87 -9.34
N ALA B 324 4.62 -4.15 -8.24
CA ALA B 324 5.01 -2.75 -8.36
C ALA B 324 6.38 -2.62 -9.05
N VAL B 325 7.33 -3.47 -8.67
CA VAL B 325 8.65 -3.41 -9.28
C VAL B 325 8.59 -3.95 -10.70
N ARG B 326 7.93 -5.09 -10.86
CA ARG B 326 7.94 -5.80 -12.14
C ARG B 326 7.38 -4.96 -13.29
N ASN B 327 6.39 -4.11 -12.99
CA ASN B 327 5.64 -3.39 -14.01
C ASN B 327 6.02 -1.92 -14.10
N GLY B 328 7.12 -1.53 -13.46
CA GLY B 328 7.60 -0.19 -13.60
C GLY B 328 8.93 -0.16 -14.33
N PRO B 329 9.46 1.05 -14.53
CA PRO B 329 10.57 1.21 -15.48
C PRO B 329 11.91 0.67 -15.00
N GLN B 330 12.02 0.26 -13.73
CA GLN B 330 13.28 -0.18 -13.14
C GLN B 330 13.41 -1.70 -13.04
N TRP B 331 12.40 -2.44 -13.48
CA TRP B 331 12.47 -3.90 -13.41
C TRP B 331 13.72 -4.44 -14.11
N ASP B 332 14.05 -3.90 -15.28
CA ASP B 332 15.19 -4.30 -16.11
C ASP B 332 16.54 -4.12 -15.42
N LYS B 333 16.56 -3.54 -14.23
CA LYS B 333 17.84 -3.35 -13.56
C LYS B 333 17.75 -3.64 -12.07
N THR B 334 16.78 -4.47 -11.65
CA THR B 334 16.49 -4.69 -10.25
C THR B 334 16.61 -6.17 -9.89
N LEU B 335 16.99 -6.39 -8.65
CA LEU B 335 17.01 -7.69 -8.02
C LEU B 335 16.20 -7.56 -6.74
N ILE B 336 15.24 -8.45 -6.54
CA ILE B 336 14.51 -8.53 -5.28
C ILE B 336 15.10 -9.69 -4.49
N LEU B 337 15.56 -9.41 -3.27
CA LEU B 337 15.97 -10.49 -2.39
C LEU B 337 14.92 -10.60 -1.27
N LEU B 338 14.13 -11.67 -1.30
CA LEU B 338 13.05 -11.88 -0.34
C LEU B 338 13.44 -13.02 0.59
N THR B 339 13.56 -12.70 1.89
CA THR B 339 14.02 -13.63 2.93
C THR B 339 13.10 -13.62 4.14
N TYR B 340 13.53 -14.33 5.19
CA TYR B 340 12.96 -14.25 6.52
C TYR B 340 14.07 -13.84 7.48
N ASP B 341 13.67 -13.35 8.66
CA ASP B 341 14.64 -12.94 9.64
C ASP B 341 15.13 -14.13 10.48
N GLU B 342 14.25 -15.08 10.77
CA GLU B 342 14.62 -16.34 11.41
C GLU B 342 13.44 -17.29 11.23
N THR B 343 13.63 -18.54 11.69
CA THR B 343 12.68 -19.61 11.38
C THR B 343 11.51 -19.68 12.35
N GLY B 344 11.43 -18.81 13.34
CA GLY B 344 10.23 -18.72 14.18
C GLY B 344 9.94 -19.91 15.06
N GLY B 345 10.87 -20.85 15.22
CA GLY B 345 10.59 -22.06 15.96
C GLY B 345 9.84 -23.13 15.19
N PHE B 346 9.53 -22.90 13.90
CA PHE B 346 8.93 -23.93 13.06
C PHE B 346 9.94 -25.02 12.73
N TYR B 347 9.42 -26.25 12.57
CA TYR B 347 10.28 -27.39 12.30
C TYR B 347 11.10 -27.19 11.03
N ASP B 348 12.39 -27.51 11.11
CA ASP B 348 13.19 -27.77 9.91
C ASP B 348 14.20 -28.86 10.25
N HIS B 349 14.46 -29.75 9.28
CA HIS B 349 15.24 -30.94 9.59
C HIS B 349 16.74 -30.76 9.37
N VAL B 350 17.20 -29.64 8.83
CA VAL B 350 18.59 -29.46 8.45
C VAL B 350 19.33 -28.86 9.63
N PRO B 351 20.35 -29.53 10.16
CA PRO B 351 21.11 -28.99 11.29
C PRO B 351 21.84 -27.72 10.90
N PRO B 352 21.71 -26.65 11.67
CA PRO B 352 22.47 -25.43 11.38
C PRO B 352 23.95 -25.66 11.61
N PRO B 353 24.79 -25.25 10.67
CA PRO B 353 26.24 -25.45 10.81
C PRO B 353 26.90 -24.41 11.70
N LEU B 354 28.13 -24.75 12.10
CA LEU B 354 28.96 -23.79 12.82
C LEU B 354 29.37 -22.65 11.89
N ALA B 355 29.71 -21.51 12.50
CA ALA B 355 30.04 -20.33 11.72
C ALA B 355 31.01 -19.47 12.51
N VAL B 356 31.71 -18.56 11.81
CA VAL B 356 32.64 -17.68 12.50
C VAL B 356 31.88 -16.73 13.41
N ARG B 357 32.47 -16.44 14.56
CA ARG B 357 31.95 -15.42 15.43
C ARG B 357 32.09 -14.06 14.76
N PRO B 358 31.02 -13.28 14.64
CA PRO B 358 31.16 -11.95 14.03
C PRO B 358 32.00 -10.99 14.85
N ASP B 359 32.09 -11.21 16.16
CA ASP B 359 32.94 -10.42 17.04
C ASP B 359 33.11 -11.19 18.35
N ASN B 360 33.56 -10.50 19.39
CA ASN B 360 33.84 -11.10 20.69
C ASN B 360 32.68 -10.92 21.67
N LEU B 361 31.59 -10.30 21.25
CA LEU B 361 30.50 -10.03 22.18
C LEU B 361 29.62 -11.27 22.34
N THR B 362 29.35 -11.62 23.58
CA THR B 362 28.51 -12.76 23.87
C THR B 362 27.21 -12.28 24.50
N TYR B 363 26.28 -13.21 24.64
CA TYR B 363 24.97 -12.93 25.18
C TYR B 363 24.58 -14.08 26.10
N THR B 364 24.03 -13.78 27.28
CA THR B 364 23.68 -14.80 28.26
C THR B 364 22.19 -14.73 28.62
N GLU B 365 21.58 -15.88 28.78
CA GLU B 365 20.14 -15.98 28.92
C GLU B 365 19.80 -17.08 29.91
N LYS B 366 18.75 -16.86 30.70
CA LYS B 366 18.20 -17.90 31.56
C LYS B 366 17.12 -18.68 30.80
N ALA B 367 17.29 -20.01 30.70
CA ALA B 367 16.33 -20.86 30.02
C ALA B 367 15.10 -21.09 30.88
N PRO B 368 13.94 -21.43 30.28
CA PRO B 368 12.77 -21.77 31.12
C PRO B 368 13.07 -22.88 32.11
N ASP B 369 14.15 -23.63 31.85
CA ASP B 369 14.77 -24.57 32.77
C ASP B 369 15.05 -23.97 34.15
N GLY B 370 15.41 -22.68 34.18
CA GLY B 370 16.19 -22.15 35.28
C GLY B 370 17.69 -22.16 35.04
N SER B 371 18.17 -22.93 34.07
CA SER B 371 19.59 -22.96 33.75
C SER B 371 20.02 -21.69 33.01
N THR B 372 21.34 -21.52 32.92
CA THR B 372 21.97 -20.38 32.28
C THR B 372 22.72 -20.83 31.03
N TYR B 373 22.59 -20.07 29.95
CA TYR B 373 23.24 -20.42 28.69
C TYR B 373 23.91 -19.21 28.09
N THR B 374 25.11 -19.42 27.54
CA THR B 374 25.85 -18.36 26.87
C THR B 374 26.05 -18.67 25.39
N LEU B 375 25.65 -17.73 24.55
CA LEU B 375 25.78 -17.83 23.10
C LEU B 375 26.99 -17.00 22.68
N THR B 376 27.88 -17.61 21.89
CA THR B 376 29.04 -16.94 21.33
C THR B 376 28.94 -16.77 19.83
N TYR B 377 27.78 -17.04 19.24
CA TYR B 377 27.52 -16.77 17.82
C TYR B 377 28.49 -17.55 16.92
N ASN B 378 28.77 -18.79 17.29
CA ASN B 378 29.65 -19.67 16.52
C ASN B 378 28.88 -20.69 15.71
N ARG B 379 27.57 -20.46 15.53
CA ARG B 379 26.67 -21.35 14.81
C ARG B 379 25.49 -20.53 14.29
N LEU B 380 24.90 -20.98 13.19
CA LEU B 380 23.83 -20.21 12.56
C LEU B 380 22.47 -20.56 13.17
N GLY B 381 21.45 -19.80 12.79
CA GLY B 381 20.07 -20.16 13.05
C GLY B 381 19.54 -21.16 12.03
N GLY B 382 18.21 -21.31 12.02
CA GLY B 382 17.61 -22.33 11.17
C GLY B 382 17.65 -22.00 9.68
N ARG B 383 17.40 -23.04 8.88
CA ARG B 383 17.28 -22.88 7.43
C ARG B 383 15.95 -22.25 7.04
N MET B 384 15.98 -21.23 6.20
CA MET B 384 14.81 -20.42 5.87
C MET B 384 14.49 -20.48 4.39
N PRO B 385 13.29 -20.05 3.98
CA PRO B 385 13.05 -19.77 2.55
C PRO B 385 13.77 -18.51 2.16
N THR B 386 14.39 -18.53 0.97
CA THR B 386 14.98 -17.31 0.42
C THR B 386 14.84 -17.36 -1.09
N PHE B 387 14.55 -16.20 -1.69
CA PHE B 387 14.24 -16.12 -3.11
C PHE B 387 15.07 -15.00 -3.73
N LEU B 388 15.65 -15.28 -4.89
CA LEU B 388 16.34 -14.29 -5.71
C LEU B 388 15.46 -14.00 -6.92
N ILE B 389 14.85 -12.82 -6.93
CA ILE B 389 13.82 -12.46 -7.90
C ILE B 389 14.32 -11.27 -8.72
N SER B 390 14.58 -11.52 -9.99
CA SER B 390 15.21 -10.59 -10.91
C SER B 390 15.03 -11.12 -12.32
N PRO B 391 14.93 -10.27 -13.35
CA PRO B 391 14.85 -10.80 -14.73
C PRO B 391 16.18 -11.38 -15.22
N TYR B 392 17.25 -11.32 -14.43
CA TYR B 392 18.50 -11.99 -14.75
C TYR B 392 18.71 -13.27 -13.96
N ALA B 393 17.91 -13.52 -12.93
CA ALA B 393 18.00 -14.77 -12.16
C ALA B 393 17.46 -15.93 -12.98
N PRO B 394 18.03 -17.12 -12.85
CA PRO B 394 17.51 -18.25 -13.61
C PRO B 394 16.14 -18.69 -13.10
N LYS B 395 15.41 -19.37 -13.97
CA LYS B 395 14.00 -19.65 -13.79
C LYS B 395 13.81 -21.02 -13.17
N GLY B 396 13.05 -21.07 -12.07
CA GLY B 396 12.78 -22.35 -11.42
C GLY B 396 14.04 -23.06 -10.99
N TYR B 397 15.04 -22.30 -10.54
CA TYR B 397 16.36 -22.80 -10.24
C TYR B 397 16.52 -22.93 -8.74
N VAL B 398 17.28 -23.93 -8.30
CA VAL B 398 17.49 -24.19 -6.89
C VAL B 398 18.98 -24.14 -6.57
N GLU B 399 19.41 -23.05 -5.95
CA GLU B 399 20.80 -22.93 -5.50
C GLU B 399 21.06 -23.79 -4.26
N GLN B 400 22.18 -24.52 -4.28
CA GLN B 400 22.60 -25.33 -3.15
C GLN B 400 23.64 -24.59 -2.33
N GLU B 401 24.72 -25.26 -1.93
CA GLU B 401 25.78 -24.56 -1.20
C GLU B 401 26.52 -23.59 -2.12
N GLY B 402 27.09 -22.55 -1.51
CA GLY B 402 27.93 -21.61 -2.22
C GLY B 402 29.40 -21.80 -1.91
N ILE B 403 30.18 -20.75 -2.13
CA ILE B 403 31.61 -20.76 -1.81
C ILE B 403 31.89 -19.68 -0.76
N ASP B 404 32.47 -20.10 0.36
CA ASP B 404 33.01 -19.14 1.33
C ASP B 404 34.13 -18.34 0.65
N PRO B 405 33.99 -17.02 0.49
CA PRO B 405 35.00 -16.27 -0.28
C PRO B 405 36.33 -16.16 0.42
N ALA B 406 36.35 -16.22 1.76
CA ALA B 406 37.60 -16.14 2.49
C ALA B 406 38.40 -17.43 2.41
N THR B 407 37.79 -18.49 1.87
CA THR B 407 38.33 -19.82 2.06
C THR B 407 38.36 -20.59 0.74
N GLY B 408 37.42 -20.29 -0.15
CA GLY B 408 37.24 -21.11 -1.31
C GLY B 408 36.49 -22.41 -1.07
N ASN B 409 36.12 -22.72 0.16
CA ASN B 409 35.42 -23.96 0.45
C ASN B 409 33.92 -23.78 0.27
N SER B 410 33.25 -24.88 -0.03
CA SER B 410 31.79 -24.86 -0.06
C SER B 410 31.27 -24.46 1.32
N SER B 411 30.25 -23.61 1.34
CA SER B 411 29.64 -23.15 2.58
C SER B 411 28.16 -22.90 2.32
N VAL B 412 27.38 -22.83 3.41
CA VAL B 412 25.97 -22.46 3.28
C VAL B 412 25.84 -20.94 3.18
N TYR B 413 24.73 -20.49 2.62
CA TYR B 413 24.38 -19.07 2.68
C TYR B 413 23.78 -18.74 4.04
N SER B 414 23.82 -17.44 4.38
CA SER B 414 23.19 -16.92 5.59
C SER B 414 22.75 -15.48 5.29
N ALA B 415 22.13 -14.82 6.28
CA ALA B 415 21.61 -13.47 6.01
C ALA B 415 22.70 -12.53 5.49
N THR B 416 23.95 -12.70 5.95
CA THR B 416 25.02 -11.80 5.55
C THR B 416 25.49 -12.03 4.12
N SER B 417 24.93 -13.02 3.42
CA SER B 417 25.17 -13.18 1.99
C SER B 417 24.73 -11.96 1.21
N VAL B 418 23.73 -11.22 1.70
CA VAL B 418 23.30 -9.99 1.04
C VAL B 418 24.40 -8.93 1.13
N LEU B 419 24.86 -8.62 2.35
CA LEU B 419 25.95 -7.64 2.52
C LEU B 419 27.17 -8.00 1.67
N LYS B 420 27.47 -9.30 1.57
CA LYS B 420 28.56 -9.72 0.69
C LYS B 420 28.27 -9.33 -0.75
N THR B 421 27.07 -9.68 -1.25
CA THR B 421 26.71 -9.35 -2.63
C THR B 421 26.69 -7.84 -2.84
N LEU B 422 26.23 -7.10 -1.83
CA LEU B 422 26.20 -5.64 -1.94
C LEU B 422 27.61 -5.05 -1.92
N GLY B 423 28.52 -5.65 -1.15
CA GLY B 423 29.90 -5.24 -1.22
C GLY B 423 30.47 -5.33 -2.62
N TYR B 424 30.24 -6.46 -3.30
CA TYR B 424 30.61 -6.57 -4.71
C TYR B 424 29.97 -5.47 -5.54
N LEU B 425 28.65 -5.28 -5.39
CA LEU B 425 27.92 -4.37 -6.26
C LEU B 425 28.40 -2.93 -6.11
N TRP B 426 28.69 -2.49 -4.88
CA TRP B 426 28.92 -1.07 -4.62
C TRP B 426 30.31 -0.79 -4.02
N ASP B 427 31.24 -1.74 -4.14
CA ASP B 427 32.62 -1.56 -3.65
C ASP B 427 32.64 -1.22 -2.16
N LEU B 428 32.01 -2.09 -1.37
CA LEU B 428 31.93 -1.90 0.07
C LEU B 428 32.88 -2.86 0.78
N GLU B 429 33.44 -2.39 1.88
CA GLU B 429 34.24 -3.20 2.78
C GLU B 429 33.32 -4.08 3.62
N ASP B 430 33.65 -5.36 3.72
CA ASP B 430 32.93 -6.25 4.63
C ASP B 430 32.98 -5.72 6.05
N LEU B 431 31.81 -5.61 6.68
CA LEU B 431 31.74 -5.03 8.02
C LEU B 431 32.28 -5.95 9.10
N THR B 432 32.18 -7.27 8.95
CA THR B 432 32.65 -8.21 9.97
C THR B 432 33.20 -9.46 9.30
N PRO B 433 33.95 -10.29 10.04
CA PRO B 433 34.37 -11.59 9.46
C PRO B 433 33.20 -12.49 9.06
N ARG B 434 32.05 -12.40 9.74
CA ARG B 434 30.88 -13.16 9.29
C ARG B 434 30.48 -12.75 7.89
N VAL B 435 30.49 -11.44 7.59
CA VAL B 435 30.25 -11.01 6.22
C VAL B 435 31.33 -11.58 5.29
N SER B 436 32.60 -11.50 5.71
CA SER B 436 33.69 -11.98 4.88
C SER B 436 33.53 -13.45 4.49
N HIS B 437 32.90 -14.25 5.35
CA HIS B 437 32.80 -15.68 5.08
C HIS B 437 31.49 -16.08 4.41
N SER B 438 30.60 -15.12 4.12
CA SER B 438 29.29 -15.43 3.54
C SER B 438 29.40 -15.58 2.02
N PRO B 439 28.90 -16.68 1.44
CA PRO B 439 28.81 -16.76 -0.01
C PRO B 439 27.96 -15.64 -0.58
N ALA B 440 28.40 -15.06 -1.68
CA ALA B 440 27.58 -14.10 -2.41
C ALA B 440 26.78 -14.81 -3.49
N PHE B 441 25.78 -14.11 -4.04
CA PHE B 441 24.95 -14.69 -5.09
C PHE B 441 25.07 -13.93 -6.42
N ASP B 442 26.19 -13.23 -6.64
CA ASP B 442 26.42 -12.50 -7.88
C ASP B 442 26.49 -13.42 -9.09
N HIS B 443 26.88 -14.69 -8.89
CA HIS B 443 26.92 -15.61 -10.02
C HIS B 443 25.54 -16.07 -10.49
N LEU B 444 24.46 -15.76 -9.74
CA LEU B 444 23.12 -16.14 -10.14
C LEU B 444 22.40 -15.02 -10.89
N ILE B 445 23.10 -13.91 -11.10
CA ILE B 445 22.62 -12.84 -11.96
C ILE B 445 23.19 -13.12 -13.35
N GLY B 446 22.31 -13.43 -14.29
CA GLY B 446 22.74 -13.84 -15.61
C GLY B 446 23.07 -12.67 -16.50
N PRO B 447 23.64 -12.97 -17.66
CA PRO B 447 24.08 -11.93 -18.60
C PRO B 447 23.00 -11.46 -19.57
N GLN B 448 21.82 -12.06 -19.59
CA GLN B 448 20.80 -11.71 -20.57
C GLN B 448 19.44 -11.53 -19.89
N LEU B 449 18.77 -10.44 -20.23
CA LEU B 449 17.45 -10.17 -19.68
C LEU B 449 16.43 -11.19 -20.15
N ARG B 450 15.76 -11.84 -19.19
CA ARG B 450 14.60 -12.66 -19.51
C ARG B 450 13.40 -11.79 -19.86
N SER B 451 12.65 -12.23 -20.87
CA SER B 451 11.32 -11.70 -21.18
C SER B 451 10.23 -12.66 -20.72
N ASP B 452 10.63 -13.79 -20.14
CA ASP B 452 9.79 -14.88 -19.67
C ASP B 452 8.94 -14.51 -18.46
N THR B 453 9.31 -13.44 -17.71
CA THR B 453 8.81 -13.33 -16.33
C THR B 453 7.36 -12.84 -16.28
N PRO B 454 6.61 -13.29 -15.27
CA PRO B 454 5.20 -12.91 -15.17
C PRO B 454 5.02 -11.45 -14.74
N THR B 455 3.90 -10.86 -15.18
CA THR B 455 3.55 -9.52 -14.71
C THR B 455 2.73 -9.55 -13.42
N THR B 456 1.93 -10.60 -13.21
CA THR B 456 1.25 -10.80 -11.94
C THR B 456 1.72 -12.09 -11.30
N LEU B 457 1.55 -12.15 -9.98
CA LEU B 457 1.65 -13.37 -9.22
C LEU B 457 0.24 -13.80 -8.84
N THR B 458 -0.03 -15.10 -8.96
CA THR B 458 -1.31 -15.66 -8.53
C THR B 458 -1.79 -15.03 -7.22
N THR B 459 -2.98 -14.44 -7.25
CA THR B 459 -3.57 -13.95 -6.02
C THR B 459 -3.68 -15.09 -5.01
N PRO B 460 -3.43 -14.82 -3.72
CA PRO B 460 -3.65 -15.84 -2.69
C PRO B 460 -5.09 -15.79 -2.21
N HIS B 461 -5.46 -16.67 -1.27
CA HIS B 461 -6.79 -16.65 -0.68
C HIS B 461 -6.64 -16.99 0.79
N THR B 462 -7.56 -16.50 1.59
CA THR B 462 -7.66 -16.96 2.97
C THR B 462 -8.03 -18.43 2.98
N PHE B 463 -7.47 -19.19 3.91
CA PHE B 463 -7.85 -20.59 4.08
C PHE B 463 -8.03 -20.89 5.56
N PRO B 464 -9.10 -20.37 6.16
CA PRO B 464 -9.44 -20.75 7.53
C PRO B 464 -9.95 -22.19 7.56
C1 NAG C . -16.37 -9.32 12.73
C2 NAG C . -17.02 -10.31 13.67
C3 NAG C . -18.15 -9.63 14.42
C4 NAG C . -17.63 -8.37 15.11
C5 NAG C . -16.75 -7.50 14.19
C6 NAG C . -15.95 -6.47 14.95
C7 NAG C . -18.59 -11.73 12.33
C8 NAG C . -18.79 -13.10 11.74
N2 NAG C . -17.45 -11.54 13.00
O3 NAG C . -18.68 -10.54 15.38
O4 NAG C . -18.71 -7.55 15.55
O5 NAG C . -15.79 -8.30 13.47
O6 NAG C . -16.76 -5.76 15.87
O7 NAG C . -19.43 -10.84 12.17
C1 NAG D . 7.01 14.84 -8.80
C2 NAG D . 7.38 14.95 -7.37
C3 NAG D . 8.85 15.29 -7.27
C4 NAG D . 9.67 14.35 -8.14
C5 NAG D . 8.99 14.04 -9.49
C6 NAG D . 9.56 12.85 -10.21
C7 NAG D . 5.87 15.65 -5.58
C8 NAG D . 5.93 14.23 -5.13
N2 NAG D . 6.57 15.94 -6.68
O3 NAG D . 9.23 15.24 -5.90
O4 NAG D . 10.88 15.00 -8.46
O5 NAG D . 7.60 13.78 -9.32
O6 NAG D . 9.31 12.98 -11.61
O7 NAG D . 5.20 16.50 -4.99
C1 NAG E . 12.98 13.64 -7.49
C2 NAG E . 13.81 14.48 -8.41
C3 NAG E . 15.27 14.34 -8.02
C4 NAG E . 15.44 14.74 -6.55
C5 NAG E . 14.38 14.10 -5.64
C6 NAG E . 14.26 14.81 -4.32
C7 NAG E . 12.98 14.95 -10.68
C8 NAG E . 12.85 14.44 -12.08
N2 NAG E . 13.60 14.13 -9.81
O3 NAG E . 16.07 15.15 -8.87
O4 NAG E . 16.73 14.36 -6.08
O5 NAG E . 13.05 14.15 -6.23
O6 NAG E . 12.96 15.40 -4.18
O7 NAG E . 12.54 16.05 -10.35
C1 NAG F . -6.77 -14.27 9.82
C2 NAG F . -6.90 -13.03 10.61
C3 NAG F . -8.29 -12.96 11.16
C4 NAG F . -9.31 -13.22 10.06
C5 NAG F . -8.90 -14.25 9.01
C6 NAG F . -9.67 -14.16 7.71
C7 NAG F . -4.95 -12.12 11.76
C8 NAG F . -4.03 -12.26 12.93
N2 NAG F . -5.92 -13.02 11.68
O3 NAG F . -8.52 -11.72 11.80
O4 NAG F . -10.39 -13.84 10.74
O5 NAG F . -7.51 -14.14 8.68
O6 NAG F . -9.85 -15.44 7.14
O7 NAG F . -4.82 -11.22 10.94
C1 NAG G . -12.48 -12.45 9.93
C2 NAG G . -13.11 -13.64 10.55
C3 NAG G . -14.43 -13.22 11.17
C4 NAG G . -14.38 -11.79 11.69
C5 NAG G . -13.03 -11.02 11.61
C6 NAG G . -12.45 -10.66 12.96
C7 NAG G . -12.90 -15.95 9.81
C8 NAG G . -12.29 -16.21 11.14
N2 NAG G . -13.29 -14.70 9.58
O3 NAG G . -14.77 -14.11 12.22
O4 NAG G . -15.30 -11.06 10.90
O5 NAG G . -11.98 -11.68 10.89
O6 NAG G . -11.52 -9.60 12.81
O7 NAG G . -13.03 -16.83 8.96
#